data_1TUB
#
_entry.id   1TUB
#
_cell.length_a   80.000
_cell.length_b   92.000
_cell.length_c   90.000
_cell.angle_alpha   90.00
_cell.angle_beta   90.00
_cell.angle_gamma   90.00
#
_symmetry.space_group_name_H-M   'P 1 21 1'
#
loop_
_entity.id
_entity.type
_entity.pdbx_description
1 polymer TUBULIN
2 polymer TUBULIN
3 non-polymer "GUANOSINE-5'-TRIPHOSPHATE"
4 non-polymer "GUANOSINE-5'-DIPHOSPHATE"
5 non-polymer TAXOTERE
#
loop_
_entity_poly.entity_id
_entity_poly.type
_entity_poly.pdbx_seq_one_letter_code
_entity_poly.pdbx_strand_id
1 'polypeptide(L)'
;MRECISIHVGQAGVQIGNACWELYCLEHGIQPDGQMPSDKTIGGGDDSFNTFFSETGAGKHVPRAVFVDLEPTVIDEVRT
GTYRQLFHPEQLITGKEDAANNYARGHYTIGKEIIDLVLDRIRKLADQCTGLQGFSVFHSFGGGTGSGFTSLLMERLSVD
YGKKSKLEFSIYPAPQVSTAVVEPYNSILTTHTTLEHSDCAFMVDNEAIYDICRRNLDIERPTYTNLNRLIGQIVSSITA
SLRFDGALNVDLTEFQTNLVPYPRGHFPLATYAPVISAEKAYHEQLSVAEITNACFEPANQMVKCDPRHGKYMACCLLYR
GDVVPKDVNAAIATIKTKRTIQFVDWCPTGFKVGINYEPPTVVPGGDLAKVQRAVCMLSNTTAIAEAWARLDHKFDLMYA
KRAFVHWYVGEGMEEGEFSEAREDMAALEKDYEEVGVDSV
;
A
2 'polypeptide(L)'
;MREIVHIQAGQCGNQIGAKFWEVISDEHGIDPTGSYHGDSDLQLERINVYYNEAAGNKYVPRAILVDLEPGTMDSVRSGP
FGQIFRPDNFVFGQSGAGNNWAKGHYTEGAELVDSVLDVVRKESESCDCLQGFQLTHSLGGGTGSGMGTLLISKIREEYP
DRIMNTFSVVPSPKVSDTVVEPYNATLSVHQLVENTDETYCIDNEALYDICFRTLKLTTPTYGDLNHLVSATMSGVTTCL
RFPGQLNADLRKLAVNMVPFPRLHFFMPGFAPLTSRGSQQYRALTVPELTQQMFDAKNMMAACDPRHGRYLTVAAVFRGR
MSMKEVDEQMLNVQNKNSSYFVEWIPNNVKTAVCDIPPRGLKMSATFIGNSTAIQELFKRISEQFTAMFRRKAFLHWYTG
EGMDEMEFTEAESNMNDLVSEYQQYQD
;
B
#
loop_
_chem_comp.id
_chem_comp.type
_chem_comp.name
_chem_comp.formula
GDP RNA linking GUANOSINE-5'-DIPHOSPHATE 'C10 H15 N5 O11 P2'
GTP non-polymer GUANOSINE-5'-TRIPHOSPHATE 'C10 H16 N5 O14 P3'
TXL non-polymer TAXOTERE 'C43 H53 N O14'
#
# COMPACT_ATOMS: atom_id res chain seq x y z
N MET A 1 -11.98 7.65 -33.95
CA MET A 1 -13.26 7.12 -34.40
C MET A 1 -12.47 6.01 -34.24
N ARG A 2 -11.62 6.99 -33.56
CA ARG A 2 -10.28 7.32 -32.75
C ARG A 2 -10.35 7.09 -31.26
N GLU A 3 -10.84 5.98 -30.97
CA GLU A 3 -11.06 5.52 -29.66
C GLU A 3 -9.80 5.43 -28.88
N CYS A 4 -10.02 5.51 -27.64
CA CYS A 4 -9.01 5.27 -26.68
C CYS A 4 -9.32 3.89 -26.20
N ILE A 5 -8.35 3.33 -25.62
CA ILE A 5 -8.52 2.11 -24.90
C ILE A 5 -8.06 2.43 -23.52
N SER A 6 -8.91 2.14 -22.59
CA SER A 6 -8.62 2.51 -21.23
C SER A 6 -8.26 1.35 -20.36
N ILE A 7 -7.01 1.45 -19.92
CA ILE A 7 -6.42 0.49 -19.01
C ILE A 7 -6.08 1.10 -17.71
N HIS A 8 -6.40 0.35 -16.69
CA HIS A 8 -6.04 0.66 -15.35
C HIS A 8 -4.87 -0.18 -15.01
N VAL A 9 -4.23 0.05 -13.93
CA VAL A 9 -3.07 -0.72 -13.59
C VAL A 9 -3.03 -1.09 -12.13
N GLY A 10 -3.30 -0.15 -11.31
CA GLY A 10 -3.24 -0.40 -9.88
C GLY A 10 -4.07 0.55 -9.08
N GLN A 11 -4.13 0.23 -7.77
CA GLN A 11 -4.87 0.93 -6.81
C GLN A 11 -4.99 2.35 -7.21
N ALA A 12 -3.84 2.90 -7.51
CA ALA A 12 -3.78 4.23 -8.04
C ALA A 12 -4.68 4.29 -9.27
N GLY A 13 -4.62 3.28 -10.07
CA GLY A 13 -5.36 3.18 -11.34
C GLY A 13 -6.85 2.79 -11.18
N VAL A 14 -7.27 1.83 -10.46
CA VAL A 14 -8.68 1.41 -10.48
C VAL A 14 -9.54 2.50 -9.95
N GLN A 15 -8.93 3.32 -9.03
CA GLN A 15 -9.68 4.38 -8.50
C GLN A 15 -9.73 5.53 -9.45
N ILE A 16 -8.51 5.81 -9.83
CA ILE A 16 -8.31 6.95 -10.70
C ILE A 16 -9.33 6.94 -11.82
N GLY A 17 -9.68 5.79 -12.24
CA GLY A 17 -10.73 5.62 -13.25
C GLY A 17 -12.09 6.01 -12.80
N ASN A 18 -12.12 5.73 -11.35
CA ASN A 18 -13.42 6.08 -10.83
C ASN A 18 -13.61 7.55 -10.98
N ALA A 19 -12.38 8.21 -10.91
CA ALA A 19 -12.37 9.62 -11.20
C ALA A 19 -12.52 9.87 -12.68
N CYS A 20 -11.90 9.19 -13.48
CA CYS A 20 -12.04 9.35 -14.91
C CYS A 20 -13.48 9.05 -15.33
N TRP A 21 -13.99 7.75 -14.92
CA TRP A 21 -15.28 7.20 -15.38
C TRP A 21 -16.42 7.93 -14.81
N GLU A 22 -16.44 8.51 -13.65
CA GLU A 22 -17.40 9.36 -13.05
C GLU A 22 -17.38 10.68 -13.75
N LEU A 23 -16.12 11.15 -13.99
CA LEU A 23 -16.05 12.46 -14.61
C LEU A 23 -16.67 12.40 -15.97
N TYR A 24 -16.68 11.27 -16.48
CA TYR A 24 -17.35 11.08 -17.76
C TYR A 24 -18.86 11.21 -17.62
N CYS A 25 -19.78 10.73 -17.10
CA CYS A 25 -21.02 11.05 -16.47
C CYS A 25 -21.65 12.24 -17.13
N LEU A 26 -21.41 12.42 -18.40
CA LEU A 26 -22.01 13.50 -19.15
C LEU A 26 -22.41 13.05 -20.52
N GLU A 27 -22.53 11.80 -20.68
CA GLU A 27 -22.90 11.13 -21.88
C GLU A 27 -21.64 10.92 -22.70
N HIS A 28 -20.26 11.13 -22.23
CA HIS A 28 -19.19 10.85 -23.14
C HIS A 28 -18.64 9.52 -22.78
N GLY A 29 -17.69 9.12 -23.57
CA GLY A 29 -17.01 7.90 -23.41
C GLY A 29 -15.72 8.01 -24.17
N ILE A 30 -14.75 7.21 -23.92
CA ILE A 30 -13.65 6.94 -24.81
C ILE A 30 -14.22 6.38 -26.09
N GLN A 31 -13.72 7.09 -27.09
CA GLN A 31 -13.88 7.74 -28.38
C GLN A 31 -15.09 7.79 -29.40
N PRO A 32 -15.91 7.34 -28.89
CA PRO A 32 -17.27 7.14 -29.32
C PRO A 32 -18.49 7.93 -28.82
N ASP A 33 -18.34 9.01 -28.11
CA ASP A 33 -19.51 9.73 -27.66
C ASP A 33 -20.23 10.03 -28.81
N GLY A 34 -20.30 9.19 -29.54
CA GLY A 34 -21.07 9.57 -30.44
C GLY A 34 -22.46 9.55 -29.92
N GLN A 35 -23.07 9.44 -28.91
CA GLN A 35 -24.05 10.12 -28.16
C GLN A 35 -24.92 9.18 -27.37
N MET A 36 -25.51 9.67 -26.36
CA MET A 36 -26.41 8.78 -25.65
C MET A 36 -27.42 9.52 -24.87
N PRO A 37 -28.56 9.21 -24.60
CA PRO A 37 -29.74 9.68 -23.92
C PRO A 37 -29.80 9.21 -22.49
N SER A 38 -28.89 8.28 -22.22
CA SER A 38 -28.83 7.68 -20.91
C SER A 38 -27.99 8.52 -19.99
N ASP A 39 -27.78 8.59 -19.32
CA ASP A 39 -27.70 9.23 -18.10
C ASP A 39 -27.60 8.29 -16.96
N LYS A 40 -27.16 8.86 -15.87
CA LYS A 40 -27.09 8.15 -14.62
C LYS A 40 -26.24 6.96 -14.72
N THR A 41 -26.73 5.85 -14.21
CA THR A 41 -25.99 4.66 -14.18
C THR A 41 -25.92 4.10 -15.54
N ILE A 42 -26.68 4.79 -16.19
CA ILE A 42 -26.93 4.23 -17.46
C ILE A 42 -28.09 3.24 -17.39
N GLY A 43 -28.89 2.91 -16.47
CA GLY A 43 -29.80 1.79 -16.24
C GLY A 43 -31.06 1.98 -17.23
N GLY A 44 -31.35 3.44 -17.01
CA GLY A 44 -32.46 4.17 -17.59
C GLY A 44 -32.39 4.39 -19.08
N GLY A 45 -31.19 4.16 -19.57
CA GLY A 45 -30.98 4.23 -20.99
C GLY A 45 -31.63 3.07 -21.67
N ASP A 46 -32.09 2.04 -20.99
CA ASP A 46 -32.59 0.96 -21.70
C ASP A 46 -31.79 -0.24 -21.41
N ASP A 47 -32.48 -1.50 -21.73
CA ASP A 47 -31.91 -2.71 -22.03
C ASP A 47 -32.42 -3.22 -23.31
N SER A 48 -31.57 -3.29 -24.27
CA SER A 48 -31.94 -3.82 -25.53
C SER A 48 -31.40 -5.17 -25.67
N PHE A 49 -32.22 -6.15 -25.30
CA PHE A 49 -31.69 -7.46 -25.29
C PHE A 49 -30.59 -7.59 -24.26
N ASN A 50 -29.50 -8.33 -24.40
CA ASN A 50 -28.07 -8.42 -24.24
C ASN A 50 -27.73 -9.21 -23.01
N THR A 51 -26.86 -9.07 -22.14
CA THR A 51 -25.93 -9.92 -21.46
C THR A 51 -24.72 -9.17 -20.96
N PHE A 52 -23.77 -9.84 -20.37
CA PHE A 52 -22.58 -9.15 -19.94
C PHE A 52 -21.95 -8.37 -21.06
N PHE A 53 -21.49 -7.20 -20.78
CA PHE A 53 -20.85 -6.43 -21.81
C PHE A 53 -21.83 -5.98 -22.87
N SER A 54 -21.96 -5.35 -23.49
CA SER A 54 -23.17 -5.01 -24.22
C SER A 54 -22.90 -4.90 -25.68
N GLU A 55 -23.56 -5.83 -26.41
CA GLU A 55 -23.65 -5.71 -27.82
C GLU A 55 -24.67 -4.70 -28.24
N THR A 56 -25.72 -4.60 -27.43
CA THR A 56 -26.80 -3.72 -27.71
C THR A 56 -26.27 -2.33 -27.80
N GLY A 57 -25.19 -2.24 -26.93
CA GLY A 57 -24.91 -0.83 -26.88
C GLY A 57 -23.50 -0.56 -27.29
N ALA A 58 -23.12 0.68 -27.66
CA ALA A 58 -21.73 1.02 -27.90
C ALA A 58 -21.02 1.44 -26.65
N GLY A 59 -19.69 1.66 -26.81
CA GLY A 59 -18.87 2.07 -25.70
C GLY A 59 -19.55 3.20 -25.03
N LYS A 60 -20.25 3.97 -25.87
CA LYS A 60 -20.99 5.12 -25.48
C LYS A 60 -21.93 4.78 -24.33
N HIS A 61 -22.73 3.78 -24.53
CA HIS A 61 -23.78 3.34 -23.62
C HIS A 61 -23.09 2.72 -22.44
N VAL A 62 -22.03 2.14 -22.76
CA VAL A 62 -21.09 1.56 -21.85
C VAL A 62 -19.75 1.69 -22.53
N PRO A 63 -18.80 1.74 -21.69
CA PRO A 63 -17.41 2.28 -21.86
C PRO A 63 -16.39 1.74 -22.82
N ARG A 64 -15.16 2.41 -22.73
CA ARG A 64 -13.86 2.13 -23.43
C ARG A 64 -13.06 1.19 -22.55
N ALA A 65 -13.02 1.44 -21.33
CA ALA A 65 -12.94 0.34 -20.43
C ALA A 65 -11.89 -0.78 -20.23
N VAL A 66 -10.97 -0.86 -19.26
CA VAL A 66 -10.32 -2.21 -18.84
C VAL A 66 -9.61 -1.97 -17.52
N PHE A 67 -10.13 -2.46 -16.44
CA PHE A 67 -9.58 -2.39 -15.11
C PHE A 67 -8.78 -3.61 -14.78
N VAL A 68 -7.47 -3.42 -14.32
CA VAL A 68 -6.62 -4.46 -13.81
C VAL A 68 -6.39 -4.30 -12.34
N ASP A 69 -6.78 -5.29 -11.60
CA ASP A 69 -6.61 -5.27 -10.16
C ASP A 69 -5.77 -6.42 -9.69
N LEU A 70 -4.91 -6.40 -9.13
CA LEU A 70 -4.15 -7.54 -8.69
C LEU A 70 -4.48 -7.88 -7.26
N GLU A 71 -5.50 -7.30 -6.80
CA GLU A 71 -6.05 -7.44 -5.47
C GLU A 71 -7.54 -7.03 -5.79
N PRO A 72 -8.53 -7.55 -5.13
CA PRO A 72 -9.97 -7.28 -5.38
C PRO A 72 -10.35 -5.96 -4.90
N THR A 73 -9.52 -5.60 -3.93
CA THR A 73 -9.59 -4.41 -3.13
C THR A 73 -10.29 -3.34 -3.94
N VAL A 74 -9.59 -2.53 -4.70
CA VAL A 74 -10.16 -1.45 -5.44
C VAL A 74 -11.20 -1.93 -6.44
N ILE A 75 -10.92 -3.03 -6.98
CA ILE A 75 -11.83 -3.63 -7.94
C ILE A 75 -13.12 -4.07 -7.27
N ASP A 76 -13.02 -4.52 -6.06
CA ASP A 76 -14.29 -4.83 -5.40
C ASP A 76 -15.05 -3.58 -5.23
N GLU A 77 -14.37 -2.47 -5.16
CA GLU A 77 -15.11 -1.26 -5.08
C GLU A 77 -15.94 -1.03 -6.33
N VAL A 78 -14.99 -0.76 -7.42
CA VAL A 78 -15.70 -0.63 -8.66
C VAL A 78 -16.70 -1.75 -8.82
N ARG A 79 -16.55 -2.87 -8.40
CA ARG A 79 -17.56 -3.89 -8.34
C ARG A 79 -18.38 -3.81 -7.09
N THR A 80 -17.89 -3.07 -6.16
CA THR A 80 -18.42 -2.95 -4.85
C THR A 80 -19.91 -2.68 -4.89
N GLY A 81 -20.59 -3.32 -4.14
CA GLY A 81 -22.00 -3.11 -3.98
C GLY A 81 -22.46 -2.28 -5.13
N THR A 82 -22.36 -2.84 -6.29
CA THR A 82 -22.76 -2.17 -7.50
C THR A 82 -22.78 -0.76 -7.07
N TYR A 83 -21.56 -0.38 -6.79
CA TYR A 83 -20.94 0.78 -6.26
C TYR A 83 -21.58 2.00 -6.82
N ARG A 84 -22.76 1.95 -7.37
CA ARG A 84 -23.46 3.11 -7.90
C ARG A 84 -23.12 3.37 -9.30
N GLN A 85 -22.29 2.58 -9.78
CA GLN A 85 -21.85 2.82 -11.07
C GLN A 85 -21.73 1.66 -11.90
N LEU A 86 -22.66 0.87 -12.12
CA LEU A 86 -22.21 -0.21 -12.87
C LEU A 86 -21.75 0.07 -14.27
N PHE A 87 -20.42 0.07 -14.46
CA PHE A 87 -19.94 0.54 -15.73
C PHE A 87 -19.68 -0.60 -16.62
N HIS A 88 -19.64 -1.72 -16.56
CA HIS A 88 -19.91 -2.98 -17.13
C HIS A 88 -19.36 -4.10 -16.33
N PRO A 89 -19.87 -5.23 -16.48
CA PRO A 89 -19.16 -6.39 -16.04
C PRO A 89 -18.23 -6.89 -17.09
N GLU A 90 -17.18 -7.49 -16.69
CA GLU A 90 -16.27 -8.08 -17.60
C GLU A 90 -15.45 -7.05 -18.33
N GLN A 91 -15.20 -5.98 -18.05
CA GLN A 91 -14.11 -5.06 -18.33
C GLN A 91 -13.17 -4.93 -17.15
N LEU A 92 -13.68 -5.52 -15.89
CA LEU A 92 -12.79 -5.72 -14.76
C LEU A 92 -12.04 -6.99 -14.83
N ILE A 93 -10.77 -7.07 -14.45
CA ILE A 93 -9.91 -8.09 -13.95
C ILE A 93 -9.65 -7.93 -12.49
N THR A 94 -9.80 -8.98 -11.84
CA THR A 94 -9.59 -9.07 -10.44
C THR A 94 -8.80 -10.26 -10.18
N GLY A 95 -7.56 -10.06 -9.93
CA GLY A 95 -6.69 -11.14 -9.68
C GLY A 95 -6.44 -11.28 -8.22
N LYS A 96 -6.85 -12.39 -7.73
CA LYS A 96 -6.59 -12.77 -6.38
C LYS A 96 -5.33 -13.59 -6.35
N GLU A 97 -4.27 -12.98 -6.80
CA GLU A 97 -2.96 -13.60 -6.82
C GLU A 97 -2.23 -13.17 -5.65
N ASP A 98 -3.01 -12.42 -5.01
CA ASP A 98 -2.53 -11.78 -3.90
C ASP A 98 -1.65 -10.70 -4.43
N ALA A 99 -1.90 -9.57 -3.99
CA ALA A 99 -1.19 -8.42 -4.45
C ALA A 99 0.28 -8.40 -4.11
N ALA A 100 1.00 -7.73 -4.94
CA ALA A 100 2.44 -7.61 -4.79
C ALA A 100 2.94 -6.23 -5.11
N ASN A 101 3.63 -5.72 -4.14
CA ASN A 101 4.37 -4.49 -4.23
C ASN A 101 5.78 -4.86 -4.57
N ASN A 102 6.21 -4.50 -5.71
CA ASN A 102 7.53 -4.85 -6.17
C ASN A 102 7.48 -4.61 -7.63
N TYR A 103 8.50 -4.22 -8.17
CA TYR A 103 8.37 -4.04 -9.54
C TYR A 103 8.47 -5.35 -10.13
N ALA A 104 9.14 -6.14 -9.36
CA ALA A 104 9.41 -7.45 -9.69
C ALA A 104 8.12 -8.29 -9.61
N ARG A 105 7.38 -8.13 -8.56
CA ARG A 105 6.14 -8.87 -8.31
C ARG A 105 4.99 -8.26 -9.03
N GLY A 106 4.23 -9.14 -9.49
CA GLY A 106 3.14 -8.90 -10.33
C GLY A 106 3.71 -8.77 -11.71
N HIS A 107 4.71 -7.92 -11.94
CA HIS A 107 5.36 -7.67 -13.21
C HIS A 107 6.05 -8.91 -13.59
N TYR A 108 7.00 -9.49 -12.94
CA TYR A 108 7.65 -10.69 -13.29
C TYR A 108 6.79 -11.86 -12.86
N THR A 109 6.25 -11.82 -11.67
CA THR A 109 5.62 -12.95 -10.97
C THR A 109 4.13 -13.21 -11.23
N ILE A 110 3.21 -12.80 -10.41
CA ILE A 110 1.77 -13.03 -10.54
C ILE A 110 1.26 -12.32 -11.79
N GLY A 111 1.79 -11.21 -11.99
CA GLY A 111 1.36 -10.55 -13.25
C GLY A 111 1.70 -11.32 -14.43
N LYS A 112 2.70 -11.91 -14.70
CA LYS A 112 2.97 -12.55 -15.93
C LYS A 112 1.79 -13.42 -16.31
N GLU A 113 1.38 -14.16 -15.21
CA GLU A 113 0.36 -15.18 -15.34
C GLU A 113 -0.98 -14.60 -15.75
N ILE A 114 -1.20 -13.30 -15.39
CA ILE A 114 -2.50 -12.72 -15.72
C ILE A 114 -2.26 -11.37 -16.36
N ILE A 115 -1.35 -11.19 -17.12
CA ILE A 115 -1.18 -10.12 -18.08
C ILE A 115 -1.64 -10.56 -19.43
N ASP A 116 -1.64 -11.82 -19.61
CA ASP A 116 -2.06 -12.42 -20.84
C ASP A 116 -3.57 -12.29 -21.01
N LEU A 117 -4.28 -13.04 -20.19
CA LEU A 117 -5.75 -13.07 -20.18
C LEU A 117 -6.26 -11.68 -20.36
N VAL A 118 -5.46 -10.80 -19.82
CA VAL A 118 -5.73 -9.41 -19.95
C VAL A 118 -5.43 -8.97 -21.36
N LEU A 119 -4.30 -9.39 -21.85
CA LEU A 119 -3.93 -9.06 -23.21
C LEU A 119 -5.09 -9.46 -24.11
N ASP A 120 -5.65 -10.60 -23.81
CA ASP A 120 -6.79 -11.11 -24.58
C ASP A 120 -7.99 -10.22 -24.49
N ARG A 121 -8.23 -9.75 -23.32
CA ARG A 121 -9.34 -8.87 -23.11
C ARG A 121 -9.14 -7.62 -23.93
N ILE A 122 -7.93 -7.09 -23.85
CA ILE A 122 -7.56 -5.89 -24.55
C ILE A 122 -7.70 -6.03 -26.03
N ARG A 123 -7.21 -7.10 -26.50
CA ARG A 123 -7.27 -7.40 -27.90
C ARG A 123 -8.71 -7.41 -28.41
N LYS A 124 -9.58 -8.14 -27.75
CA LYS A 124 -10.99 -8.22 -28.14
C LYS A 124 -11.58 -6.87 -28.07
N LEU A 125 -11.20 -6.26 -26.99
CA LEU A 125 -11.60 -4.92 -26.69
C LEU A 125 -11.06 -3.99 -27.74
N ALA A 126 -9.86 -4.25 -28.16
CA ALA A 126 -9.21 -3.41 -29.14
C ALA A 126 -9.83 -3.60 -30.50
N ASP A 127 -10.75 -4.53 -30.59
CA ASP A 127 -11.29 -4.83 -31.88
C ASP A 127 -12.73 -4.38 -32.13
N GLN A 128 -13.58 -4.39 -31.14
CA GLN A 128 -14.98 -4.06 -31.33
C GLN A 128 -15.04 -2.59 -31.54
N CYS A 129 -15.18 -2.17 -32.77
CA CYS A 129 -15.23 -0.79 -33.12
C CYS A 129 -14.22 -0.49 -34.21
N THR A 130 -13.92 0.76 -34.37
CA THR A 130 -12.94 1.22 -35.34
C THR A 130 -12.16 2.38 -34.80
N GLY A 131 -10.91 2.49 -35.16
CA GLY A 131 -10.01 3.54 -34.71
C GLY A 131 -9.99 3.53 -33.21
N LEU A 132 -8.85 3.16 -32.66
CA LEU A 132 -8.65 3.05 -31.22
C LEU A 132 -7.65 4.09 -30.74
N GLN A 133 -7.02 4.73 -31.68
CA GLN A 133 -6.07 5.83 -31.49
C GLN A 133 -5.91 6.22 -30.05
N GLY A 134 -5.45 5.30 -29.24
CA GLY A 134 -5.11 5.58 -27.88
C GLY A 134 -5.24 4.41 -26.93
N PHE A 135 -4.30 4.45 -26.01
CA PHE A 135 -4.19 3.53 -24.89
C PHE A 135 -3.84 4.30 -23.69
N SER A 136 -4.72 4.21 -22.74
CA SER A 136 -4.54 4.88 -21.51
C SER A 136 -4.13 3.91 -20.44
N VAL A 137 -3.19 4.33 -19.66
CA VAL A 137 -2.68 3.52 -18.57
C VAL A 137 -2.61 4.30 -17.31
N PHE A 138 -3.28 3.96 -16.39
CA PHE A 138 -3.06 4.50 -15.08
C PHE A 138 -1.91 3.74 -14.42
N HIS A 139 -0.93 4.47 -13.90
CA HIS A 139 0.33 3.93 -13.39
C HIS A 139 0.74 4.67 -12.17
N SER A 140 1.47 4.02 -11.36
CA SER A 140 2.11 4.53 -10.19
C SER A 140 3.49 4.30 -10.33
N PHE A 141 4.04 4.83 -9.41
CA PHE A 141 5.37 4.85 -9.24
C PHE A 141 5.58 4.18 -7.92
N GLY A 142 5.03 2.98 -7.78
CA GLY A 142 5.20 2.23 -6.52
C GLY A 142 4.49 0.92 -6.42
N GLY A 143 3.39 0.80 -7.13
CA GLY A 143 2.48 -0.33 -6.94
C GLY A 143 2.68 -1.51 -7.76
N GLY A 144 2.99 -2.61 -7.14
CA GLY A 144 3.60 -3.66 -7.85
C GLY A 144 2.92 -3.80 -9.19
N THR A 145 1.60 -3.82 -9.17
CA THR A 145 0.82 -3.96 -10.37
C THR A 145 1.11 -2.81 -11.31
N GLY A 146 1.73 -1.81 -10.76
CA GLY A 146 2.07 -0.64 -11.54
C GLY A 146 3.45 -0.37 -12.12
N SER A 147 4.25 -1.10 -11.64
CA SER A 147 5.63 -1.06 -12.14
C SER A 147 5.82 -2.18 -13.07
N GLY A 148 6.19 -3.33 -12.61
CA GLY A 148 6.48 -4.43 -13.43
C GLY A 148 5.25 -4.83 -14.21
N PHE A 149 4.09 -4.72 -13.62
CA PHE A 149 2.82 -5.06 -14.26
C PHE A 149 2.58 -4.09 -15.39
N THR A 150 2.91 -2.95 -15.23
CA THR A 150 2.75 -1.93 -16.25
C THR A 150 3.91 -1.96 -17.21
N SER A 151 5.11 -2.14 -16.71
CA SER A 151 6.26 -2.39 -17.53
C SER A 151 6.04 -3.67 -18.24
N LEU A 152 5.16 -4.49 -17.74
CA LEU A 152 4.65 -5.65 -18.41
C LEU A 152 3.55 -5.24 -19.36
N LEU A 153 2.61 -4.52 -18.96
CA LEU A 153 1.36 -4.26 -19.70
C LEU A 153 1.63 -3.17 -20.69
N MET A 154 2.53 -2.25 -20.48
CA MET A 154 2.97 -1.25 -21.45
C MET A 154 3.93 -1.84 -22.42
N GLU A 155 4.64 -2.80 -21.98
CA GLU A 155 5.71 -3.36 -22.74
C GLU A 155 5.12 -4.21 -23.82
N ARG A 156 4.24 -5.12 -23.49
CA ARG A 156 3.51 -5.96 -24.40
C ARG A 156 2.64 -5.14 -25.33
N LEU A 157 2.09 -4.10 -24.88
CA LEU A 157 1.19 -3.28 -25.67
C LEU A 157 1.98 -2.50 -26.70
N SER A 158 3.17 -2.01 -26.33
CA SER A 158 4.12 -1.36 -27.22
C SER A 158 4.62 -2.32 -28.21
N VAL A 159 4.98 -3.47 -27.79
CA VAL A 159 5.52 -4.44 -28.66
C VAL A 159 4.44 -4.85 -29.65
N ASP A 160 3.24 -5.13 -29.17
CA ASP A 160 2.13 -5.63 -29.97
C ASP A 160 1.49 -4.53 -30.85
N TYR A 161 1.50 -3.34 -30.36
CA TYR A 161 0.79 -2.21 -30.99
C TYR A 161 1.68 -0.97 -31.14
N GLY A 162 2.73 -1.09 -31.88
CA GLY A 162 3.76 -0.06 -32.03
C GLY A 162 3.28 1.23 -32.55
N LYS A 163 2.24 1.12 -33.33
CA LYS A 163 1.60 2.24 -33.99
C LYS A 163 0.71 2.92 -33.03
N LYS A 164 0.26 2.47 -31.99
CA LYS A 164 -0.67 3.15 -31.15
C LYS A 164 0.05 3.57 -29.90
N SER A 165 0.40 4.82 -29.84
CA SER A 165 1.13 5.37 -28.72
C SER A 165 0.21 5.40 -27.53
N LYS A 166 0.87 5.14 -26.47
CA LYS A 166 0.15 4.77 -25.26
C LYS A 166 0.24 6.00 -24.54
N LEU A 167 -0.72 6.22 -23.85
CA LEU A 167 -0.66 7.30 -23.01
C LEU A 167 -0.79 6.65 -21.68
N GLU A 168 -0.09 7.13 -20.72
CA GLU A 168 -0.21 6.56 -19.38
C GLU A 168 -0.15 7.67 -18.44
N PHE A 169 -0.81 7.45 -17.37
CA PHE A 169 -0.87 8.39 -16.34
C PHE A 169 0.04 7.99 -15.25
N SER A 170 0.35 8.88 -14.43
CA SER A 170 1.24 8.59 -13.37
C SER A 170 0.86 9.29 -12.13
N ILE A 171 1.24 8.65 -11.07
CA ILE A 171 1.15 9.13 -9.72
C ILE A 171 2.47 8.72 -9.07
N TYR A 172 3.41 9.69 -9.13
CA TYR A 172 4.87 9.55 -8.76
C TYR A 172 5.12 10.01 -7.35
N PRO A 173 6.17 9.48 -6.73
CA PRO A 173 6.62 9.84 -5.42
C PRO A 173 7.22 11.21 -5.46
N ALA A 174 7.35 11.85 -4.34
CA ALA A 174 8.04 13.16 -4.34
C ALA A 174 8.88 13.34 -3.10
N PRO A 175 8.45 14.18 -2.24
CA PRO A 175 9.09 14.27 -0.96
C PRO A 175 8.42 13.35 0.01
N GLN A 176 7.11 13.31 0.00
CA GLN A 176 6.39 12.30 0.79
C GLN A 176 5.80 11.27 -0.11
N VAL A 177 5.24 10.12 0.65
CA VAL A 177 4.85 9.03 -0.18
C VAL A 177 4.50 7.84 0.68
N SER A 178 4.51 6.77 0.03
CA SER A 178 4.19 5.49 0.64
C SER A 178 5.30 4.55 0.35
N THR A 179 5.34 3.52 1.12
CA THR A 179 6.32 2.51 1.01
C THR A 179 7.69 2.97 1.48
N ALA A 180 8.76 2.29 1.51
CA ALA A 180 10.15 2.63 1.20
C ALA A 180 10.51 2.15 -0.15
N VAL A 181 9.69 1.33 -0.65
CA VAL A 181 10.02 0.62 -1.84
C VAL A 181 10.18 1.58 -3.00
N VAL A 182 9.25 2.72 -2.91
CA VAL A 182 8.99 3.58 -4.05
C VAL A 182 10.20 4.47 -4.32
N GLU A 183 11.16 4.78 -3.56
CA GLU A 183 12.28 5.54 -4.13
C GLU A 183 12.93 4.70 -5.14
N PRO A 184 13.92 4.03 -5.32
CA PRO A 184 13.56 3.01 -6.22
C PRO A 184 12.70 1.93 -5.87
N TYR A 185 12.07 1.80 -6.99
CA TYR A 185 11.05 0.90 -7.34
C TYR A 185 10.39 1.46 -8.59
N ASN A 186 9.93 2.65 -8.50
CA ASN A 186 9.23 3.29 -9.62
C ASN A 186 10.18 3.55 -10.76
N SER A 187 11.41 3.51 -10.42
CA SER A 187 12.68 3.58 -11.14
C SER A 187 12.70 2.52 -12.15
N ILE A 188 12.33 1.26 -11.35
CA ILE A 188 12.18 0.11 -12.16
C ILE A 188 11.02 0.30 -13.13
N LEU A 189 9.91 0.73 -12.62
CA LEU A 189 8.72 0.95 -13.44
C LEU A 189 9.03 1.99 -14.49
N THR A 190 9.98 2.90 -14.24
CA THR A 190 10.46 3.90 -15.18
C THR A 190 11.37 3.27 -16.17
N THR A 191 12.09 2.48 -16.11
CA THR A 191 12.91 1.94 -17.16
C THR A 191 12.06 1.51 -18.36
N HIS A 192 11.29 0.51 -18.07
CA HIS A 192 10.35 -0.23 -18.91
C HIS A 192 9.52 0.62 -19.88
N THR A 193 8.64 1.51 -19.38
CA THR A 193 7.84 2.40 -20.30
C THR A 193 8.91 2.91 -21.26
N THR A 194 9.38 3.73 -21.11
CA THR A 194 10.63 4.03 -21.80
C THR A 194 10.62 3.31 -23.08
N LEU A 195 11.64 2.64 -23.30
CA LEU A 195 11.93 2.10 -24.59
C LEU A 195 11.02 0.92 -24.83
N GLU A 196 10.34 0.31 -23.86
CA GLU A 196 9.36 -0.70 -24.18
C GLU A 196 8.33 -0.08 -25.10
N HIS A 197 8.22 1.11 -25.00
CA HIS A 197 7.03 1.79 -25.46
C HIS A 197 6.52 2.59 -24.33
N SER A 198 5.41 3.27 -24.93
CA SER A 198 4.91 4.40 -24.26
C SER A 198 4.98 5.57 -25.19
N ASP A 199 4.20 6.48 -24.86
CA ASP A 199 4.19 7.73 -25.51
C ASP A 199 4.29 8.70 -24.42
N CYS A 200 3.63 9.75 -24.66
CA CYS A 200 3.57 10.75 -23.66
C CYS A 200 2.79 10.24 -22.48
N ALA A 201 3.24 10.68 -21.44
CA ALA A 201 2.73 10.34 -20.13
C ALA A 201 2.38 11.58 -19.43
N PHE A 202 1.65 11.39 -18.40
CA PHE A 202 1.22 12.45 -17.61
C PHE A 202 1.28 12.05 -16.15
N MET A 203 1.34 13.01 -15.36
CA MET A 203 1.31 12.69 -13.94
C MET A 203 0.49 13.69 -13.23
N VAL A 204 0.04 13.07 -12.10
CA VAL A 204 -0.34 13.82 -10.96
C VAL A 204 0.64 13.58 -9.83
N ASP A 205 1.28 14.46 -9.43
CA ASP A 205 2.17 14.44 -8.27
C ASP A 205 1.32 14.57 -7.05
N ASN A 206 1.32 13.57 -6.25
CA ASN A 206 0.46 13.50 -5.10
C ASN A 206 0.84 14.48 -4.08
N GLU A 207 2.08 14.91 -4.14
CA GLU A 207 2.61 15.88 -3.25
C GLU A 207 2.43 17.24 -3.84
N ALA A 208 2.06 17.40 -5.04
CA ALA A 208 1.70 18.60 -5.78
C ALA A 208 0.21 18.85 -5.62
N ILE A 209 -0.63 17.88 -5.68
CA ILE A 209 -2.09 17.93 -5.65
C ILE A 209 -2.54 18.43 -4.33
N TYR A 210 -2.12 17.80 -3.27
CA TYR A 210 -2.48 18.13 -1.93
C TYR A 210 -1.87 19.44 -1.58
N ASP A 211 -1.05 19.93 -2.47
CA ASP A 211 -0.42 21.21 -2.31
C ASP A 211 -1.27 22.22 -2.97
N ILE A 212 -1.64 21.97 -4.16
CA ILE A 212 -2.50 22.86 -4.88
C ILE A 212 -3.83 22.95 -4.20
N CYS A 213 -4.12 22.02 -3.34
CA CYS A 213 -5.40 21.98 -2.65
C CYS A 213 -5.33 22.82 -1.45
N ARG A 214 -4.11 23.16 -1.10
CA ARG A 214 -3.83 23.91 0.07
C ARG A 214 -3.41 25.33 -0.29
N ARG A 215 -2.98 25.56 -1.51
CA ARG A 215 -2.56 26.89 -2.00
C ARG A 215 -3.62 27.39 -2.98
N ASN A 216 -4.41 26.62 -3.64
CA ASN A 216 -5.34 27.11 -4.65
C ASN A 216 -6.78 26.81 -4.25
N LEU A 217 -7.11 25.84 -3.87
CA LEU A 217 -8.46 25.60 -3.37
C LEU A 217 -8.45 25.71 -1.89
N ASP A 218 -9.24 24.95 -1.20
CA ASP A 218 -9.27 25.00 0.24
C ASP A 218 -9.35 23.56 0.71
N ILE A 219 -9.12 22.99 1.29
CA ILE A 219 -9.46 21.96 2.24
C ILE A 219 -8.23 21.20 2.60
N GLU A 220 -7.41 21.68 3.49
CA GLU A 220 -6.20 20.98 3.87
C GLU A 220 -6.50 19.60 4.39
N ARG A 221 -7.66 19.33 4.94
CA ARG A 221 -8.03 18.05 5.50
C ARG A 221 -8.15 16.97 4.55
N PRO A 222 -8.11 16.81 3.48
CA PRO A 222 -8.70 16.28 2.29
C PRO A 222 -8.28 14.87 2.18
N THR A 223 -9.08 14.16 1.43
CA THR A 223 -8.86 12.79 1.23
C THR A 223 -8.40 12.59 -0.18
N TYR A 224 -7.70 11.52 -0.34
CA TYR A 224 -7.22 11.12 -1.64
C TYR A 224 -8.45 11.03 -2.56
N THR A 225 -9.60 10.66 -1.97
CA THR A 225 -10.87 10.51 -2.72
C THR A 225 -11.17 11.81 -3.41
N ASN A 226 -10.45 12.81 -3.01
CA ASN A 226 -10.65 14.12 -3.58
C ASN A 226 -9.50 14.50 -4.49
N LEU A 227 -8.35 13.96 -4.21
CA LEU A 227 -7.15 14.25 -4.99
C LEU A 227 -7.31 13.59 -6.31
N ASN A 228 -8.16 12.61 -6.37
CA ASN A 228 -8.38 11.92 -7.59
C ASN A 228 -9.14 12.81 -8.52
N ARG A 229 -9.82 13.73 -8.04
CA ARG A 229 -10.58 14.57 -8.93
C ARG A 229 -9.74 15.57 -9.58
N LEU A 230 -8.73 15.95 -8.89
CA LEU A 230 -7.77 16.89 -9.48
C LEU A 230 -7.04 16.22 -10.58
N ILE A 231 -6.73 15.00 -10.41
CA ILE A 231 -6.05 14.23 -11.39
C ILE A 231 -7.10 13.68 -12.33
N GLY A 232 -8.28 13.35 -11.84
CA GLY A 232 -9.35 12.85 -12.71
C GLY A 232 -9.67 13.78 -13.75
N GLN A 233 -9.66 14.94 -13.31
CA GLN A 233 -10.04 15.97 -14.27
C GLN A 233 -8.95 16.15 -15.30
N ILE A 234 -7.83 15.92 -15.12
CA ILE A 234 -6.77 16.15 -16.09
C ILE A 234 -7.11 15.43 -17.36
N VAL A 235 -7.62 14.25 -17.17
CA VAL A 235 -7.97 13.40 -18.27
C VAL A 235 -9.11 13.94 -19.12
N SER A 236 -10.16 14.27 -18.45
CA SER A 236 -11.36 14.80 -19.10
C SER A 236 -10.93 15.82 -20.13
N SER A 237 -9.91 16.57 -19.80
CA SER A 237 -9.38 17.57 -20.70
C SER A 237 -8.64 16.95 -21.83
N ILE A 238 -7.84 15.98 -21.49
CA ILE A 238 -7.00 15.33 -22.45
C ILE A 238 -7.84 14.53 -23.43
N THR A 239 -8.72 13.65 -22.96
CA THR A 239 -9.53 12.81 -23.86
C THR A 239 -10.94 13.33 -24.13
N ALA A 240 -11.71 13.58 -23.13
CA ALA A 240 -13.09 14.02 -23.35
C ALA A 240 -13.15 15.24 -24.25
N SER A 241 -12.16 16.10 -24.09
CA SER A 241 -12.10 17.35 -24.83
C SER A 241 -11.63 17.20 -26.24
N LEU A 242 -10.44 16.73 -26.35
CA LEU A 242 -9.89 16.55 -27.65
C LEU A 242 -10.71 15.52 -28.39
N ARG A 243 -11.47 14.68 -27.66
CA ARG A 243 -12.26 13.63 -28.19
C ARG A 243 -13.68 14.04 -28.49
N PHE A 244 -13.98 15.26 -28.29
CA PHE A 244 -15.32 15.80 -28.51
C PHE A 244 -15.23 17.01 -29.45
N ASP A 245 -16.33 17.25 -30.16
CA ASP A 245 -16.44 18.24 -31.26
C ASP A 245 -16.20 19.65 -30.86
N GLY A 246 -15.22 20.29 -31.49
CA GLY A 246 -14.88 21.66 -31.20
C GLY A 246 -13.86 22.27 -32.17
N ALA A 247 -13.33 23.38 -31.76
CA ALA A 247 -12.33 24.17 -32.50
C ALA A 247 -10.90 23.84 -32.03
N LEU A 248 -10.05 23.74 -33.01
CA LEU A 248 -8.65 23.29 -32.90
C LEU A 248 -8.65 22.09 -32.00
N ASN A 249 -8.54 20.99 -32.59
CA ASN A 249 -8.62 19.76 -31.84
C ASN A 249 -7.40 18.94 -32.01
N VAL A 250 -6.88 18.54 -30.88
CA VAL A 250 -5.71 17.70 -30.80
C VAL A 250 -6.16 16.34 -30.40
N ASP A 251 -5.81 15.43 -31.19
CA ASP A 251 -6.17 14.08 -30.91
C ASP A 251 -5.06 13.46 -30.10
N LEU A 252 -5.21 12.22 -29.83
CA LEU A 252 -4.19 11.53 -29.05
C LEU A 252 -2.87 11.50 -29.81
N THR A 253 -2.94 11.79 -31.09
CA THR A 253 -1.72 11.81 -31.90
C THR A 253 -1.16 13.18 -32.07
N GLU A 254 -1.89 14.04 -31.53
CA GLU A 254 -1.41 15.37 -31.40
C GLU A 254 -0.60 15.53 -30.14
N PHE A 255 -1.05 14.71 -29.17
CA PHE A 255 -0.43 14.67 -27.84
C PHE A 255 1.01 14.13 -27.87
N GLN A 256 1.19 13.15 -28.66
CA GLN A 256 2.49 12.47 -28.77
C GLN A 256 3.60 13.39 -29.27
N THR A 257 3.28 14.12 -30.31
CA THR A 257 4.25 14.96 -31.00
C THR A 257 4.42 16.29 -30.39
N ASN A 258 3.42 16.74 -29.75
CA ASN A 258 3.58 18.00 -29.16
C ASN A 258 4.26 17.85 -27.86
N LEU A 259 4.25 16.75 -27.34
CA LEU A 259 5.02 16.69 -26.11
C LEU A 259 6.39 16.10 -26.36
N VAL A 260 6.35 15.36 -27.27
CA VAL A 260 7.55 14.59 -27.42
C VAL A 260 8.60 15.39 -28.20
N PRO A 261 9.77 15.70 -27.61
CA PRO A 261 10.73 16.56 -28.24
C PRO A 261 11.92 15.82 -28.72
N TYR A 262 12.10 14.71 -28.12
CA TYR A 262 13.04 13.71 -28.52
C TYR A 262 12.54 12.42 -27.93
N PRO A 263 13.18 11.31 -28.07
CA PRO A 263 12.56 10.03 -27.95
C PRO A 263 12.76 9.27 -26.67
N ARG A 264 13.28 9.79 -25.63
CA ARG A 264 13.31 8.98 -24.41
C ARG A 264 12.12 9.37 -23.58
N GLY A 265 11.07 8.64 -23.82
CA GLY A 265 9.74 8.79 -23.28
C GLY A 265 9.63 9.98 -22.55
N HIS A 266 8.67 10.73 -22.94
CA HIS A 266 8.59 11.91 -22.26
C HIS A 266 7.29 12.21 -21.73
N PHE A 267 7.71 12.79 -20.69
CA PHE A 267 7.03 13.19 -19.60
C PHE A 267 6.45 14.55 -19.65
N PRO A 268 5.46 14.87 -18.88
CA PRO A 268 4.62 15.99 -19.09
C PRO A 268 4.06 16.36 -17.81
N LEU A 269 3.61 17.51 -17.75
CA LEU A 269 2.95 18.05 -16.61
C LEU A 269 1.56 18.50 -17.00
N ALA A 270 0.65 18.52 -15.97
CA ALA A 270 -0.78 18.84 -16.10
C ALA A 270 -1.10 19.95 -15.19
N THR A 271 -1.63 20.97 -15.74
CA THR A 271 -2.06 22.09 -14.99
C THR A 271 -3.56 22.29 -15.28
N TYR A 272 -4.33 22.45 -14.27
CA TYR A 272 -5.75 22.77 -14.45
C TYR A 272 -5.96 24.03 -13.77
N ALA A 273 -6.12 25.02 -14.52
CA ALA A 273 -6.20 26.30 -13.97
C ALA A 273 -7.55 26.55 -13.35
N PRO A 274 -8.64 26.07 -13.71
CA PRO A 274 -9.93 26.26 -13.13
C PRO A 274 -10.05 25.42 -11.92
N VAL A 275 -10.22 25.74 -10.81
CA VAL A 275 -9.86 25.16 -9.53
C VAL A 275 -10.41 25.97 -8.43
N ILE A 276 -11.36 26.80 -8.94
CA ILE A 276 -11.95 27.71 -8.01
C ILE A 276 -12.70 27.04 -6.87
N SER A 277 -12.74 27.73 -5.81
CA SER A 277 -13.34 27.23 -4.58
C SER A 277 -14.85 27.10 -4.74
N ALA A 278 -15.34 26.31 -3.94
CA ALA A 278 -16.72 26.47 -3.50
C ALA A 278 -16.80 27.66 -2.65
N GLU A 279 -15.65 28.12 -2.14
CA GLU A 279 -15.63 29.23 -1.26
C GLU A 279 -15.03 30.43 -1.97
N LYS A 280 -15.00 30.44 -3.24
CA LYS A 280 -14.42 31.54 -4.02
C LYS A 280 -15.53 32.45 -4.42
N ALA A 281 -15.64 33.12 -5.31
CA ALA A 281 -15.96 34.43 -5.80
C ALA A 281 -14.94 34.89 -6.72
N TYR A 282 -14.73 34.08 -7.63
CA TYR A 282 -13.91 34.50 -8.68
C TYR A 282 -14.64 35.70 -9.22
N HIS A 283 -13.87 36.70 -9.24
CA HIS A 283 -14.11 38.01 -9.79
C HIS A 283 -15.24 37.96 -10.81
N GLU A 284 -16.35 37.64 -10.55
CA GLU A 284 -17.61 36.91 -10.74
C GLU A 284 -17.34 35.72 -11.54
N GLN A 285 -16.42 35.83 -12.44
CA GLN A 285 -15.99 34.79 -13.28
C GLN A 285 -14.50 34.99 -13.36
N LEU A 286 -13.85 34.02 -13.64
CA LEU A 286 -12.38 34.16 -13.64
C LEU A 286 -11.93 34.42 -15.05
N SER A 287 -11.00 35.26 -15.19
CA SER A 287 -10.78 35.77 -16.53
C SER A 287 -10.31 34.68 -17.39
N VAL A 288 -10.81 34.64 -18.57
CA VAL A 288 -10.51 33.52 -19.33
C VAL A 288 -9.00 33.38 -19.47
N ALA A 289 -8.33 34.37 -20.04
CA ALA A 289 -6.93 34.26 -20.36
C ALA A 289 -6.06 34.25 -19.13
N GLU A 290 -6.57 34.64 -17.99
CA GLU A 290 -5.73 34.52 -16.83
C GLU A 290 -5.49 33.10 -16.46
N ILE A 291 -6.47 32.41 -17.22
CA ILE A 291 -6.50 31.00 -17.00
C ILE A 291 -5.19 30.43 -17.50
N THR A 292 -4.76 30.95 -18.61
CA THR A 292 -3.46 30.55 -19.12
C THR A 292 -2.32 30.71 -18.15
N ASN A 293 -2.28 31.78 -17.56
CA ASN A 293 -1.26 32.06 -16.57
C ASN A 293 -1.37 31.09 -15.41
N ALA A 294 -2.65 30.80 -15.05
CA ALA A 294 -3.00 29.82 -14.00
C ALA A 294 -2.12 28.65 -14.29
N CYS A 295 -2.19 28.26 -15.56
CA CYS A 295 -1.23 27.25 -15.87
C CYS A 295 0.16 27.37 -15.44
N PHE A 296 0.81 28.31 -15.91
CA PHE A 296 2.18 28.41 -15.56
C PHE A 296 2.37 28.52 -14.09
N GLU A 297 1.48 29.16 -13.45
CA GLU A 297 1.74 29.23 -12.04
C GLU A 297 2.22 27.92 -11.50
N PRO A 298 3.53 28.32 -11.06
CA PRO A 298 3.95 27.10 -10.48
C PRO A 298 2.84 26.51 -9.70
N ALA A 299 1.82 27.12 -9.11
CA ALA A 299 0.81 26.70 -8.15
C ALA A 299 -0.13 25.69 -8.74
N ASN A 300 -0.73 25.71 -9.90
CA ASN A 300 -1.61 24.66 -10.36
C ASN A 300 -0.91 23.42 -10.51
N GLN A 301 0.34 23.59 -10.67
CA GLN A 301 1.21 22.55 -10.95
C GLN A 301 0.91 21.34 -10.12
N MET A 302 0.73 20.30 -10.80
CA MET A 302 0.41 19.02 -10.19
C MET A 302 1.60 18.46 -9.43
N VAL A 303 2.77 18.58 -10.03
CA VAL A 303 3.99 18.00 -9.46
C VAL A 303 4.88 19.03 -8.81
N LYS A 304 5.86 18.55 -8.10
CA LYS A 304 6.89 19.33 -7.47
C LYS A 304 8.09 19.56 -8.35
N CYS A 305 7.67 19.86 -9.50
CA CYS A 305 8.59 20.12 -10.53
C CYS A 305 8.80 21.58 -10.64
N ASP A 306 9.82 22.01 -9.93
CA ASP A 306 10.20 23.38 -9.90
C ASP A 306 10.62 23.86 -11.26
N PRO A 307 9.71 24.51 -11.96
CA PRO A 307 9.97 25.02 -13.27
C PRO A 307 11.07 25.98 -13.18
N ARG A 308 11.25 26.40 -11.99
CA ARG A 308 12.32 27.31 -11.67
C ARG A 308 13.51 26.91 -12.43
N HIS A 309 13.64 25.64 -12.45
CA HIS A 309 14.69 25.07 -13.17
C HIS A 309 14.32 24.92 -14.60
N GLY A 310 15.18 25.51 -15.36
CA GLY A 310 15.26 25.38 -16.78
C GLY A 310 14.17 25.99 -17.62
N LYS A 311 14.18 25.53 -18.81
CA LYS A 311 13.32 25.94 -19.87
C LYS A 311 12.32 24.88 -20.22
N TYR A 312 11.06 25.22 -20.17
CA TYR A 312 10.06 24.31 -20.61
C TYR A 312 10.57 23.81 -21.89
N MET A 313 9.76 22.99 -22.39
CA MET A 313 9.98 22.43 -23.65
C MET A 313 8.66 22.52 -24.36
N ALA A 314 8.03 21.42 -24.47
CA ALA A 314 6.73 21.33 -25.08
C ALA A 314 5.64 21.69 -24.18
N CYS A 315 4.87 22.58 -24.71
CA CYS A 315 3.75 23.12 -24.01
C CYS A 315 2.47 22.97 -24.79
N CYS A 316 1.68 22.10 -24.25
CA CYS A 316 0.40 21.82 -24.81
C CYS A 316 -0.73 22.16 -23.90
N LEU A 317 -1.44 23.17 -24.35
CA LEU A 317 -2.55 23.69 -23.61
C LEU A 317 -3.89 23.49 -24.30
N LEU A 318 -4.79 22.96 -23.49
CA LEU A 318 -6.16 22.63 -23.87
C LEU A 318 -7.18 23.38 -23.10
N TYR A 319 -7.79 24.30 -23.81
CA TYR A 319 -8.81 25.17 -23.28
C TYR A 319 -10.20 24.73 -23.67
N ARG A 320 -11.07 24.75 -22.70
CA ARG A 320 -12.44 24.29 -22.91
C ARG A 320 -13.47 25.06 -22.17
N GLY A 321 -14.42 25.46 -22.97
CA GLY A 321 -15.62 26.12 -22.57
C GLY A 321 -15.47 27.61 -22.62
N ASP A 322 -16.34 28.17 -23.44
CA ASP A 322 -16.50 29.60 -23.58
C ASP A 322 -15.18 30.33 -23.77
N VAL A 323 -14.22 29.68 -24.31
CA VAL A 323 -12.93 30.29 -24.59
C VAL A 323 -13.05 31.02 -25.89
N VAL A 324 -12.22 32.01 -25.99
CA VAL A 324 -12.24 32.88 -27.10
C VAL A 324 -10.96 32.77 -27.87
N PRO A 325 -11.07 32.84 -29.18
CA PRO A 325 -9.94 32.69 -30.03
C PRO A 325 -8.90 33.73 -29.78
N LYS A 326 -9.40 34.86 -29.54
CA LYS A 326 -8.56 36.01 -29.30
C LYS A 326 -8.03 35.96 -27.90
N ASP A 327 -8.48 34.98 -27.18
CA ASP A 327 -8.05 34.76 -25.82
C ASP A 327 -6.78 33.95 -25.81
N VAL A 328 -6.77 33.04 -26.71
CA VAL A 328 -5.65 32.14 -26.85
C VAL A 328 -4.46 32.80 -27.55
N ASN A 329 -4.73 33.22 -28.75
CA ASN A 329 -3.69 33.85 -29.59
C ASN A 329 -3.10 35.05 -28.93
N ALA A 330 -3.93 35.63 -28.16
CA ALA A 330 -3.57 36.85 -27.50
C ALA A 330 -3.22 36.63 -26.03
N ALA A 331 -3.52 35.53 -25.42
CA ALA A 331 -3.09 35.35 -24.04
C ALA A 331 -1.90 34.43 -23.99
N ILE A 332 -1.86 33.62 -24.97
CA ILE A 332 -0.78 32.69 -25.07
C ILE A 332 0.49 33.42 -25.49
N ALA A 333 0.30 34.53 -26.13
CA ALA A 333 1.42 35.37 -26.54
C ALA A 333 2.11 35.91 -25.33
N THR A 334 1.30 36.35 -24.44
CA THR A 334 1.74 36.98 -23.23
C THR A 334 2.77 36.18 -22.43
N ILE A 335 2.54 34.91 -22.36
CA ILE A 335 3.41 34.00 -21.62
C ILE A 335 4.77 34.03 -22.23
N LYS A 336 4.69 33.97 -23.47
CA LYS A 336 5.91 34.16 -24.26
C LYS A 336 6.27 35.61 -24.40
N THR A 337 6.17 36.13 -23.23
CA THR A 337 6.40 37.50 -23.05
C THR A 337 7.00 37.73 -21.70
N LYS A 338 6.83 36.82 -20.83
CA LYS A 338 7.52 36.94 -19.59
C LYS A 338 8.90 36.39 -19.83
N ARG A 339 9.75 36.54 -18.87
CA ARG A 339 11.13 36.06 -18.95
C ARG A 339 11.05 34.69 -18.78
N THR A 340 10.19 34.48 -17.90
CA THR A 340 9.98 33.18 -17.36
C THR A 340 8.82 32.50 -18.04
N ILE A 341 9.40 31.63 -18.70
CA ILE A 341 8.86 30.51 -19.36
C ILE A 341 10.06 29.95 -20.00
N GLN A 342 11.00 30.78 -20.34
CA GLN A 342 12.29 30.33 -20.78
C GLN A 342 12.19 29.14 -21.62
N PHE A 343 11.34 29.14 -22.59
CA PHE A 343 11.32 28.02 -23.43
C PHE A 343 12.70 27.85 -23.97
N VAL A 344 12.84 26.64 -24.21
CA VAL A 344 13.98 26.00 -24.73
C VAL A 344 14.56 26.73 -25.95
N ASP A 345 15.67 26.21 -26.39
CA ASP A 345 16.46 26.75 -27.50
C ASP A 345 15.83 26.40 -28.87
N TRP A 346 14.98 25.36 -28.88
CA TRP A 346 14.28 24.80 -30.08
C TRP A 346 12.83 24.52 -29.82
N CYS A 347 12.32 25.54 -29.57
CA CYS A 347 10.87 25.54 -29.36
C CYS A 347 10.20 26.46 -30.35
N PRO A 348 9.58 26.48 -30.98
CA PRO A 348 9.17 27.26 -32.11
C PRO A 348 7.75 27.62 -31.95
N THR A 349 7.55 28.69 -31.25
CA THR A 349 6.23 29.16 -30.90
C THR A 349 5.50 28.15 -30.05
N GLY A 350 6.31 27.45 -29.23
CA GLY A 350 5.83 26.39 -28.41
C GLY A 350 4.65 26.89 -27.66
N PHE A 351 3.87 26.64 -28.13
CA PHE A 351 2.58 26.41 -27.47
C PHE A 351 1.56 25.82 -28.43
N LYS A 352 1.03 24.73 -27.99
CA LYS A 352 -0.05 24.07 -28.72
C LYS A 352 -1.40 24.26 -28.05
N VAL A 353 -2.35 24.83 -28.69
CA VAL A 353 -3.55 25.18 -27.98
C VAL A 353 -4.80 24.60 -28.65
N GLY A 354 -5.63 23.98 -27.85
CA GLY A 354 -6.90 23.39 -28.28
C GLY A 354 -8.02 23.96 -27.50
N ILE A 355 -9.14 24.05 -28.10
CA ILE A 355 -10.37 24.49 -27.51
C ILE A 355 -11.40 23.37 -27.44
N ASN A 356 -12.07 23.07 -26.48
CA ASN A 356 -13.06 22.03 -26.46
C ASN A 356 -14.33 22.46 -25.80
N TYR A 357 -15.44 21.80 -26.10
CA TYR A 357 -16.73 22.06 -25.51
C TYR A 357 -17.44 20.81 -25.08
N GLU A 358 -18.34 20.81 -24.15
CA GLU A 358 -18.83 21.88 -23.41
C GLU A 358 -17.88 22.21 -22.29
N PRO A 359 -17.89 23.07 -21.84
CA PRO A 359 -17.66 23.63 -20.55
C PRO A 359 -16.78 22.78 -19.66
N PRO A 360 -16.59 23.27 -18.48
CA PRO A 360 -15.90 22.48 -17.48
C PRO A 360 -16.85 21.57 -16.72
N THR A 361 -16.73 20.20 -16.96
CA THR A 361 -17.76 19.51 -16.21
C THR A 361 -17.49 19.59 -14.75
N VAL A 362 -18.47 19.21 -13.96
CA VAL A 362 -18.34 19.30 -12.55
C VAL A 362 -19.45 18.52 -11.86
N VAL A 363 -19.19 18.18 -10.65
CA VAL A 363 -20.13 17.46 -9.82
C VAL A 363 -19.84 17.70 -8.37
N PRO A 364 -20.86 18.26 -7.51
CA PRO A 364 -20.66 18.16 -6.09
C PRO A 364 -19.73 19.22 -5.57
N GLY A 365 -19.67 19.35 -4.25
CA GLY A 365 -18.91 20.40 -3.63
C GLY A 365 -17.42 20.17 -3.69
N GLY A 366 -17.04 18.93 -3.66
CA GLY A 366 -15.63 18.54 -3.70
C GLY A 366 -15.11 18.94 -5.03
N ASP A 367 -16.06 19.14 -6.10
CA ASP A 367 -15.63 19.41 -7.41
C ASP A 367 -15.16 20.80 -7.60
N LEU A 368 -14.93 21.82 -7.09
CA LEU A 368 -14.85 23.23 -7.30
C LEU A 368 -15.41 23.64 -8.65
N ALA A 369 -15.52 24.96 -8.86
CA ALA A 369 -16.43 25.88 -9.50
C ALA A 369 -17.70 25.19 -9.97
N LYS A 370 -18.10 25.99 -11.04
CA LYS A 370 -18.63 25.91 -12.37
C LYS A 370 -17.97 26.93 -13.26
N VAL A 371 -16.70 26.68 -13.53
CA VAL A 371 -15.79 27.58 -14.22
C VAL A 371 -15.84 27.36 -15.69
N GLN A 372 -15.83 28.25 -16.20
CA GLN A 372 -16.36 28.20 -17.53
C GLN A 372 -15.29 28.55 -18.53
N ARG A 373 -14.11 28.27 -18.13
CA ARG A 373 -12.94 28.59 -18.89
C ARG A 373 -11.83 27.69 -18.27
N ALA A 374 -11.17 26.90 -19.08
CA ALA A 374 -10.15 25.92 -18.59
C ALA A 374 -8.80 26.08 -19.26
N VAL A 375 -7.66 25.72 -18.49
CA VAL A 375 -6.31 25.58 -19.03
C VAL A 375 -5.73 24.29 -18.56
N CYS A 376 -5.31 23.57 -19.53
CA CYS A 376 -4.61 22.36 -19.20
C CYS A 376 -3.23 22.53 -19.77
N MET A 377 -2.25 22.46 -18.93
CA MET A 377 -0.87 22.59 -19.40
C MET A 377 -0.27 21.25 -19.34
N LEU A 378 -0.06 20.80 -20.42
CA LEU A 378 0.76 19.62 -20.50
C LEU A 378 2.16 19.99 -20.97
N SER A 379 3.26 19.94 -20.20
CA SER A 379 4.53 20.48 -20.69
C SER A 379 5.65 19.54 -20.35
N ASN A 380 6.46 19.76 -21.12
CA ASN A 380 7.74 19.10 -20.92
C ASN A 380 8.84 20.07 -20.56
N THR A 381 9.05 20.26 -19.39
CA THR A 381 10.12 21.16 -18.96
C THR A 381 11.24 20.38 -18.29
N THR A 382 12.45 21.07 -18.32
CA THR A 382 13.70 20.58 -17.76
C THR A 382 13.45 20.01 -16.38
N ALA A 383 12.58 20.56 -15.65
CA ALA A 383 12.31 20.09 -14.32
C ALA A 383 12.23 18.62 -14.25
N ILE A 384 11.36 18.14 -14.92
CA ILE A 384 11.20 16.73 -14.71
C ILE A 384 12.52 16.09 -14.37
N ALA A 385 13.45 16.93 -15.05
CA ALA A 385 14.83 16.50 -15.08
C ALA A 385 15.42 16.35 -13.72
N GLU A 386 14.72 16.88 -12.72
CA GLU A 386 15.27 16.90 -11.39
C GLU A 386 14.52 15.92 -10.50
N ALA A 387 13.15 15.69 -10.76
CA ALA A 387 12.43 14.75 -9.92
C ALA A 387 12.92 13.38 -10.14
N TRP A 388 13.39 13.10 -11.32
CA TRP A 388 13.93 11.79 -11.46
C TRP A 388 15.26 11.70 -10.71
N ALA A 389 15.92 12.82 -10.55
CA ALA A 389 17.18 12.89 -9.77
C ALA A 389 16.89 12.49 -8.36
N ARG A 390 15.87 13.07 -7.91
CA ARG A 390 15.33 12.82 -6.59
C ARG A 390 15.19 11.34 -6.29
N LEU A 391 14.63 10.63 -7.26
CA LEU A 391 14.34 9.22 -7.19
C LEU A 391 15.63 8.47 -7.34
N ASP A 392 16.53 8.95 -8.04
CA ASP A 392 17.91 8.54 -8.28
C ASP A 392 18.76 8.89 -7.08
N HIS A 393 18.69 9.93 -6.32
CA HIS A 393 19.38 9.94 -5.05
C HIS A 393 18.85 8.85 -4.14
N LYS A 394 17.56 8.58 -4.24
CA LYS A 394 16.94 7.58 -3.37
C LYS A 394 17.42 6.21 -3.68
N PHE A 395 17.47 5.94 -4.95
CA PHE A 395 17.82 4.69 -5.51
C PHE A 395 19.32 4.35 -5.26
N ASP A 396 20.23 5.27 -5.59
CA ASP A 396 21.71 5.15 -5.40
C ASP A 396 21.76 4.77 -3.98
N LEU A 397 20.90 4.85 -3.06
CA LEU A 397 21.10 4.61 -1.64
C LEU A 397 20.04 3.65 -1.14
N MET A 398 18.95 3.34 -1.82
CA MET A 398 17.85 2.65 -1.15
C MET A 398 17.78 1.25 -1.60
N TYR A 399 18.18 1.09 -2.83
CA TYR A 399 18.11 -0.18 -3.46
C TYR A 399 19.46 -0.71 -3.80
N ALA A 400 20.22 0.07 -4.46
CA ALA A 400 21.50 -0.36 -4.87
C ALA A 400 22.55 -0.12 -3.82
N LYS A 401 22.68 1.06 -3.39
CA LYS A 401 23.67 1.50 -2.42
C LYS A 401 23.94 0.41 -1.40
N ARG A 402 22.94 -0.04 -0.72
CA ARG A 402 23.08 -1.05 0.31
C ARG A 402 21.97 -2.07 0.20
N ALA A 403 21.48 -2.93 -0.26
CA ALA A 403 20.39 -3.08 -1.22
C ALA A 403 19.10 -3.48 -0.52
N PHE A 404 18.00 -2.93 -1.04
CA PHE A 404 16.73 -3.32 -0.46
C PHE A 404 16.04 -4.43 -1.18
N VAL A 405 16.82 -4.90 -2.09
CA VAL A 405 16.29 -6.08 -2.79
C VAL A 405 16.64 -7.35 -2.13
N HIS A 406 16.11 -8.06 -1.60
CA HIS A 406 15.75 -9.35 -1.10
C HIS A 406 14.32 -9.65 -1.06
N TRP A 407 13.55 -8.71 -1.06
CA TRP A 407 12.22 -9.03 -1.32
C TRP A 407 12.18 -9.30 -2.80
N TYR A 408 12.30 -8.26 -3.54
CA TYR A 408 12.27 -8.20 -4.99
C TYR A 408 12.96 -9.35 -5.74
N VAL A 409 14.22 -9.73 -5.43
CA VAL A 409 14.94 -10.78 -6.18
C VAL A 409 14.07 -12.01 -6.31
N GLY A 410 13.54 -12.22 -4.82
CA GLY A 410 12.53 -13.30 -4.56
C GLY A 410 11.61 -13.50 -5.74
N GLU A 411 11.20 -12.43 -6.45
CA GLU A 411 10.15 -12.48 -7.46
C GLU A 411 10.84 -12.54 -8.78
N GLY A 412 12.11 -12.34 -8.96
CA GLY A 412 12.64 -12.36 -10.32
C GLY A 412 13.97 -11.64 -10.37
N MET A 413 14.54 -11.09 -11.38
CA MET A 413 15.89 -10.92 -11.88
C MET A 413 16.69 -9.95 -11.04
N GLU A 414 17.96 -10.10 -10.93
CA GLU A 414 18.85 -9.28 -10.16
C GLU A 414 19.96 -8.69 -11.03
N GLU A 415 20.53 -7.61 -10.58
CA GLU A 415 21.75 -7.02 -11.14
C GLU A 415 21.42 -6.31 -12.43
N GLY A 416 20.63 -6.24 -13.07
CA GLY A 416 19.84 -5.36 -13.84
C GLY A 416 18.43 -5.56 -13.51
N GLU A 417 17.75 -4.89 -13.52
CA GLU A 417 16.34 -4.63 -13.29
C GLU A 417 16.41 -3.49 -12.43
N PHE A 418 17.60 -3.49 -11.88
CA PHE A 418 18.12 -2.58 -10.96
C PHE A 418 19.25 -1.77 -11.56
N SER A 419 20.30 -2.43 -11.94
CA SER A 419 21.50 -1.78 -12.48
C SER A 419 21.23 -1.17 -13.85
N GLU A 420 20.47 -1.89 -14.59
CA GLU A 420 20.07 -1.42 -15.89
C GLU A 420 19.05 -0.34 -15.80
N ALA A 421 18.25 -0.36 -14.74
CA ALA A 421 17.23 0.62 -14.62
C ALA A 421 17.76 1.89 -14.07
N ARG A 422 18.96 1.87 -13.53
CA ARG A 422 19.56 3.05 -13.00
C ARG A 422 20.42 3.76 -14.03
N GLU A 423 21.03 2.99 -14.80
CA GLU A 423 21.93 3.48 -15.80
C GLU A 423 21.17 3.99 -17.01
N ASP A 424 20.03 3.35 -17.32
CA ASP A 424 19.24 3.71 -18.49
C ASP A 424 18.33 4.84 -18.19
N MET A 425 17.83 4.89 -16.93
CA MET A 425 16.93 5.96 -16.43
C MET A 425 17.79 7.09 -15.94
N ALA A 426 19.05 6.79 -15.73
CA ALA A 426 20.05 7.75 -15.28
C ALA A 426 20.35 8.73 -16.37
N ALA A 427 21.06 8.27 -17.34
CA ALA A 427 21.42 9.03 -18.50
C ALA A 427 20.28 9.86 -18.99
N LEU A 428 19.12 9.32 -18.48
CA LEU A 428 17.90 10.07 -18.68
C LEU A 428 18.14 11.41 -18.09
N GLU A 429 18.78 11.39 -16.94
CA GLU A 429 19.07 12.60 -16.26
C GLU A 429 20.07 13.44 -17.01
N LYS A 430 21.12 12.78 -17.51
CA LYS A 430 22.13 13.52 -18.24
C LYS A 430 21.59 13.90 -19.60
N ASP A 431 20.98 12.94 -20.28
CA ASP A 431 20.52 13.25 -21.57
C ASP A 431 19.45 14.30 -21.58
N TYR A 432 18.59 14.22 -20.62
CA TYR A 432 17.51 15.16 -20.45
C TYR A 432 18.14 16.53 -20.30
N GLU A 433 19.07 16.66 -19.35
CA GLU A 433 19.73 17.89 -19.04
C GLU A 433 20.40 18.48 -20.26
N GLU A 434 21.00 17.77 -20.98
CA GLU A 434 21.68 18.20 -22.19
C GLU A 434 20.65 18.54 -23.24
N VAL A 435 19.42 18.21 -23.12
CA VAL A 435 18.38 18.57 -24.07
C VAL A 435 18.12 20.02 -24.01
N GLY A 436 18.54 20.62 -22.89
CA GLY A 436 18.23 21.98 -22.64
C GLY A 436 19.27 22.57 -21.69
N VAL A 437 20.47 22.67 -22.23
CA VAL A 437 21.50 23.30 -21.42
C VAL A 437 22.46 24.09 -22.29
N ASP A 438 22.32 24.16 -23.48
CA ASP A 438 23.23 25.02 -24.25
C ASP A 438 22.54 25.46 -25.52
N SER A 439 22.96 26.25 -26.39
CA SER A 439 22.36 26.62 -27.66
C SER A 439 22.49 25.51 -28.61
N VAL A 440 23.45 24.67 -28.66
CA VAL A 440 23.95 23.83 -29.68
C VAL A 440 22.76 23.29 -30.48
N MET B 1 -7.19 -13.68 -0.40
CA MET B 1 -8.60 -13.85 -0.74
C MET B 1 -8.41 -14.21 0.56
N ARG B 2 -7.10 -13.66 0.39
CA ARG B 2 -5.86 -13.47 1.19
C ARG B 2 -6.17 -13.89 2.47
N GLU B 3 -6.47 -15.07 2.36
CA GLU B 3 -7.01 -15.80 3.36
C GLU B 3 -6.01 -16.16 4.45
N ILE B 4 -6.51 -16.99 5.43
CA ILE B 4 -5.77 -17.03 6.68
C ILE B 4 -5.77 -18.24 7.64
N VAL B 5 -4.49 -18.37 8.12
CA VAL B 5 -3.96 -19.44 8.97
C VAL B 5 -3.70 -19.15 10.35
N HIS B 6 -4.53 -19.69 11.13
CA HIS B 6 -4.43 -19.40 12.46
C HIS B 6 -3.77 -20.46 13.28
N ILE B 7 -2.69 -20.05 13.94
CA ILE B 7 -1.95 -20.95 14.78
C ILE B 7 -1.72 -20.37 16.14
N GLN B 8 -2.23 -20.88 17.12
CA GLN B 8 -2.12 -20.35 18.43
C GLN B 8 -1.41 -21.28 19.37
N ALA B 9 -0.34 -20.87 19.97
CA ALA B 9 0.44 -21.79 20.78
C ALA B 9 0.74 -21.29 22.15
N GLY B 10 0.95 -22.24 23.03
CA GLY B 10 1.35 -22.05 24.40
C GLY B 10 0.28 -21.39 25.21
N GLN B 11 0.77 -20.57 26.14
CA GLN B 11 -0.05 -19.85 27.02
C GLN B 11 -0.39 -18.53 26.43
N CYS B 12 0.64 -17.77 26.16
CA CYS B 12 0.51 -16.44 25.62
C CYS B 12 -0.21 -16.43 24.28
N GLY B 13 -0.03 -17.48 23.58
CA GLY B 13 -0.59 -17.63 22.26
C GLY B 13 -2.07 -18.04 22.26
N ASN B 14 -2.41 -19.05 23.12
CA ASN B 14 -3.77 -19.54 23.29
C ASN B 14 -4.59 -18.56 24.01
N GLN B 15 -4.05 -17.97 25.01
CA GLN B 15 -4.79 -17.02 25.72
C GLN B 15 -4.89 -15.75 24.93
N ILE B 16 -3.72 -15.44 24.36
CA ILE B 16 -3.71 -14.29 23.46
C ILE B 16 -4.69 -14.46 22.33
N GLY B 17 -4.99 -15.80 22.23
CA GLY B 17 -5.97 -16.10 21.21
C GLY B 17 -7.33 -15.69 21.55
N ALA B 18 -7.52 -15.81 22.79
CA ALA B 18 -8.71 -15.43 23.42
C ALA B 18 -9.01 -14.00 23.21
N LYS B 19 -8.00 -13.16 23.23
CA LYS B 19 -8.27 -11.75 23.14
C LYS B 19 -8.11 -11.14 21.76
N PHE B 20 -7.48 -11.77 20.87
CA PHE B 20 -7.36 -11.26 19.49
C PHE B 20 -8.67 -11.56 18.83
N TRP B 21 -8.82 -12.79 18.67
CA TRP B 21 -10.02 -13.29 18.19
C TRP B 21 -11.10 -12.75 19.03
N GLU B 22 -11.25 -12.21 20.16
CA GLU B 22 -12.68 -12.02 20.23
C GLU B 22 -13.05 -10.67 19.73
N VAL B 23 -12.23 -10.08 19.38
CA VAL B 23 -12.36 -8.74 18.86
C VAL B 23 -12.76 -8.76 17.40
N ILE B 24 -13.05 -9.97 17.13
CA ILE B 24 -13.36 -10.28 15.76
C ILE B 24 -14.83 -10.64 15.58
N SER B 25 -15.52 -11.50 16.33
CA SER B 25 -16.84 -11.53 15.72
C SER B 25 -17.17 -10.02 15.49
N ASP B 26 -16.09 -9.07 15.70
CA ASP B 26 -16.16 -7.73 15.27
C ASP B 26 -16.33 -7.62 13.79
N GLU B 27 -15.94 -8.85 13.25
CA GLU B 27 -16.28 -9.55 12.06
C GLU B 27 -15.35 -9.14 10.94
N HIS B 28 -14.34 -9.79 10.78
CA HIS B 28 -13.60 -9.78 9.57
C HIS B 28 -12.58 -10.82 9.38
N GLY B 29 -12.45 -11.37 10.52
CA GLY B 29 -11.53 -12.38 10.83
C GLY B 29 -11.22 -13.26 9.62
N ILE B 30 -10.06 -12.91 9.35
CA ILE B 30 -8.96 -13.20 8.53
C ILE B 30 -9.31 -13.32 7.02
N ASP B 31 -10.26 -13.95 6.39
CA ASP B 31 -10.24 -13.63 5.00
C ASP B 31 -11.53 -13.92 4.37
N PRO B 32 -12.67 -13.96 4.97
CA PRO B 32 -13.80 -14.21 4.19
C PRO B 32 -14.03 -13.04 3.36
N THR B 33 -14.62 -12.21 4.11
CA THR B 33 -15.10 -10.92 3.77
C THR B 33 -16.59 -10.93 4.01
N GLY B 34 -17.14 -9.80 4.00
CA GLY B 34 -18.56 -9.66 4.22
C GLY B 34 -18.85 -9.75 5.67
N SER B 35 -20.07 -10.13 5.97
CA SER B 35 -20.48 -10.12 7.32
C SER B 35 -20.29 -8.72 7.71
N TYR B 36 -19.58 -8.47 8.69
CA TYR B 36 -19.33 -7.24 9.31
C TYR B 36 -20.01 -6.13 8.57
N HIS B 37 -20.75 -6.18 7.49
CA HIS B 37 -21.27 -4.99 6.79
C HIS B 37 -22.58 -4.42 7.39
N GLY B 38 -23.39 -5.21 8.08
CA GLY B 38 -24.67 -4.72 8.64
C GLY B 38 -25.07 -5.47 9.88
N ASP B 39 -24.14 -5.40 10.77
CA ASP B 39 -24.10 -6.06 12.03
C ASP B 39 -24.69 -7.39 12.07
N SER B 40 -24.66 -7.87 13.20
CA SER B 40 -25.31 -9.01 13.42
C SER B 40 -24.47 -10.20 13.72
N ASP B 41 -24.97 -10.84 14.67
CA ASP B 41 -24.73 -12.21 14.98
C ASP B 41 -24.27 -12.37 16.41
N LEU B 42 -23.39 -13.28 16.43
CA LEU B 42 -22.34 -13.26 17.45
C LEU B 42 -22.10 -14.64 17.98
N GLN B 43 -20.88 -14.74 18.26
CA GLN B 43 -20.31 -15.72 19.16
C GLN B 43 -19.22 -16.45 18.49
N LEU B 44 -19.46 -17.66 18.57
CA LEU B 44 -18.54 -18.63 18.08
C LEU B 44 -19.16 -19.24 16.87
N GLU B 45 -20.07 -18.40 16.16
CA GLU B 45 -20.67 -18.76 14.89
C GLU B 45 -22.06 -18.19 14.74
N ARG B 46 -22.88 -18.51 13.72
CA ARG B 46 -23.70 -18.09 12.61
C ARG B 46 -24.41 -19.26 11.99
N ILE B 47 -24.62 -19.09 10.73
CA ILE B 47 -25.50 -19.93 9.96
C ILE B 47 -24.76 -20.37 8.75
N ASN B 48 -24.28 -21.55 8.47
CA ASN B 48 -23.83 -22.38 7.42
C ASN B 48 -23.32 -23.67 8.02
N VAL B 49 -22.21 -23.92 7.16
CA VAL B 49 -21.54 -25.13 7.02
C VAL B 49 -20.24 -25.00 7.63
N TYR B 50 -19.95 -25.98 8.29
CA TYR B 50 -18.74 -26.01 8.87
C TYR B 50 -17.87 -26.96 8.21
N TYR B 51 -16.91 -26.48 8.74
CA TYR B 51 -15.55 -26.49 8.81
C TYR B 51 -14.99 -25.53 7.90
N ASN B 52 -14.09 -25.33 8.61
CA ASN B 52 -13.08 -24.53 8.57
C ASN B 52 -13.28 -23.24 7.84
N GLU B 53 -13.70 -23.22 6.64
CA GLU B 53 -13.56 -22.09 5.74
C GLU B 53 -14.36 -20.96 6.23
N ALA B 54 -15.32 -21.13 7.09
CA ALA B 54 -16.02 -19.97 7.52
C ALA B 54 -15.14 -19.23 8.49
N ALA B 55 -13.93 -19.85 8.50
CA ALA B 55 -12.69 -19.25 9.00
C ALA B 55 -13.01 -18.25 10.02
N GLY B 56 -12.48 -17.13 9.78
CA GLY B 56 -12.70 -16.04 10.63
C GLY B 56 -13.73 -15.08 10.09
N ASN B 57 -14.54 -15.53 9.16
CA ASN B 57 -15.58 -14.68 8.60
C ASN B 57 -16.80 -15.70 8.64
N LYS B 58 -18.00 -15.39 8.62
CA LYS B 58 -19.35 -15.98 8.67
C LYS B 58 -19.25 -17.46 8.72
N TYR B 59 -19.89 -18.21 9.20
CA TYR B 59 -20.57 -19.19 10.05
C TYR B 59 -19.55 -19.79 10.97
N VAL B 60 -18.25 -19.68 10.72
CA VAL B 60 -17.25 -20.41 11.47
C VAL B 60 -16.19 -19.48 12.03
N PRO B 61 -15.50 -20.05 13.02
CA PRO B 61 -14.22 -19.60 13.50
C PRO B 61 -13.15 -20.39 12.93
N ARG B 62 -12.27 -19.87 12.01
CA ARG B 62 -11.19 -20.67 11.52
C ARG B 62 -9.97 -20.50 12.41
N ALA B 63 -9.50 -21.33 12.99
CA ALA B 63 -8.17 -21.16 13.60
C ALA B 63 -7.54 -22.49 13.72
N ILE B 64 -6.26 -22.42 13.86
CA ILE B 64 -5.46 -23.55 14.20
C ILE B 64 -5.09 -23.32 15.62
N LEU B 65 -5.39 -24.19 16.49
CA LEU B 65 -5.12 -23.93 17.87
C LEU B 65 -4.14 -24.87 18.43
N VAL B 66 -3.21 -24.35 19.16
CA VAL B 66 -2.20 -25.18 19.72
C VAL B 66 -1.93 -24.86 21.13
N ASP B 67 -2.33 -25.77 21.94
CA ASP B 67 -2.09 -25.74 23.34
C ASP B 67 -1.26 -26.91 23.66
N LEU B 68 -0.39 -26.85 24.61
CA LEU B 68 0.41 -28.00 24.87
C LEU B 68 0.27 -28.47 26.29
N GLU B 69 -0.57 -28.01 26.95
CA GLU B 69 -0.74 -28.42 28.32
C GLU B 69 -2.13 -28.11 28.79
N PRO B 70 -2.96 -28.76 28.87
CA PRO B 70 -4.35 -28.41 28.60
C PRO B 70 -4.73 -27.14 29.23
N GLY B 71 -4.08 -26.15 29.32
CA GLY B 71 -4.48 -24.80 29.56
C GLY B 71 -5.13 -24.17 28.33
N THR B 72 -5.29 -24.00 27.68
CA THR B 72 -6.09 -23.35 26.69
C THR B 72 -7.34 -24.14 26.38
N MET B 73 -7.26 -25.39 26.46
CA MET B 73 -8.52 -26.11 26.45
C MET B 73 -9.55 -25.47 27.30
N ASP B 74 -9.56 -25.70 28.57
CA ASP B 74 -10.49 -25.34 29.53
C ASP B 74 -10.56 -23.89 29.64
N SER B 75 -9.58 -23.06 29.61
CA SER B 75 -9.60 -21.68 29.86
C SER B 75 -10.54 -20.98 28.90
N VAL B 76 -10.52 -21.40 27.69
CA VAL B 76 -11.49 -20.80 26.79
C VAL B 76 -12.50 -21.80 26.30
N ARG B 77 -12.19 -23.02 26.11
CA ARG B 77 -13.11 -23.92 25.49
C ARG B 77 -14.22 -24.35 26.42
N SER B 78 -15.38 -23.77 26.24
CA SER B 78 -16.40 -24.01 27.22
C SER B 78 -16.91 -22.66 27.58
N GLY B 79 -17.69 -22.62 28.59
CA GLY B 79 -18.27 -21.40 29.05
C GLY B 79 -17.81 -20.16 28.24
N PRO B 80 -16.50 -19.93 27.98
CA PRO B 80 -15.99 -18.75 27.25
C PRO B 80 -16.53 -18.54 25.81
N PHE B 81 -16.12 -17.38 25.25
CA PHE B 81 -16.42 -16.75 23.90
C PHE B 81 -16.55 -17.71 22.73
N GLY B 82 -16.13 -18.92 22.90
CA GLY B 82 -16.15 -19.82 21.77
C GLY B 82 -16.82 -21.17 22.04
N GLN B 83 -16.64 -21.87 21.01
CA GLN B 83 -16.89 -23.24 20.77
C GLN B 83 -15.60 -24.00 20.87
N ILE B 84 -15.00 -22.94 20.07
CA ILE B 84 -13.78 -22.48 19.43
C ILE B 84 -13.99 -22.45 17.93
N PHE B 85 -14.06 -23.90 18.03
CA PHE B 85 -14.51 -24.94 17.18
C PHE B 85 -14.05 -26.27 17.68
N ARG B 86 -14.69 -27.28 17.28
CA ARG B 86 -14.12 -28.56 17.40
C ARG B 86 -13.32 -28.88 16.20
N PRO B 87 -12.34 -29.66 16.38
CA PRO B 87 -11.53 -30.09 15.29
C PRO B 87 -10.60 -29.00 14.74
N ASP B 88 -9.68 -28.46 15.18
CA ASP B 88 -9.07 -27.21 15.25
C ASP B 88 -8.48 -26.95 16.61
N ASN B 89 -8.59 -27.90 17.48
CA ASN B 89 -8.07 -27.75 18.81
C ASN B 89 -7.11 -28.84 19.17
N PHE B 90 -5.99 -28.43 19.69
CA PHE B 90 -4.96 -29.31 20.14
C PHE B 90 -4.90 -29.40 21.61
N VAL B 91 -5.06 -30.48 22.14
CA VAL B 91 -4.67 -30.67 23.52
C VAL B 91 -3.76 -31.79 23.63
N PHE B 92 -2.65 -31.44 24.21
CA PHE B 92 -1.51 -32.26 24.27
C PHE B 92 -1.59 -33.51 25.09
N GLY B 93 -2.76 -33.89 25.51
CA GLY B 93 -2.95 -35.14 26.22
C GLY B 93 -2.05 -35.27 27.45
N GLN B 94 -1.72 -34.19 28.03
CA GLN B 94 -0.96 -34.19 29.27
C GLN B 94 0.55 -34.01 29.10
N SER B 95 1.01 -34.05 27.89
CA SER B 95 2.45 -33.92 27.65
C SER B 95 3.15 -33.43 28.90
N GLY B 96 2.39 -32.73 29.68
CA GLY B 96 2.83 -32.19 30.95
C GLY B 96 3.37 -30.79 30.79
N ALA B 97 3.09 -30.22 29.68
CA ALA B 97 3.61 -28.93 29.31
C ALA B 97 5.05 -28.82 29.78
N GLY B 98 5.83 -28.14 29.01
CA GLY B 98 7.21 -28.02 29.32
C GLY B 98 7.68 -26.63 29.32
N ASN B 99 8.44 -26.37 30.30
CA ASN B 99 9.20 -25.20 30.27
C ASN B 99 10.47 -25.64 29.64
N ASN B 100 10.81 -25.04 28.54
CA ASN B 100 12.04 -25.39 27.89
C ASN B 100 11.81 -25.53 26.42
N TRP B 101 12.57 -24.73 25.71
CA TRP B 101 12.54 -24.63 24.29
C TRP B 101 12.62 -25.96 23.68
N ALA B 102 13.58 -26.72 24.14
CA ALA B 102 13.84 -28.01 23.61
C ALA B 102 12.66 -28.95 23.79
N LYS B 103 11.82 -28.60 24.69
CA LYS B 103 10.69 -29.41 25.12
C LYS B 103 9.42 -29.22 24.33
N GLY B 104 8.68 -29.05 24.07
CA GLY B 104 7.66 -29.36 23.17
C GLY B 104 8.24 -29.22 21.79
N HIS B 105 9.24 -28.37 21.56
CA HIS B 105 9.89 -28.13 20.29
C HIS B 105 10.58 -29.36 19.91
N TYR B 106 11.52 -29.94 20.55
CA TYR B 106 12.18 -31.14 20.21
C TYR B 106 11.31 -32.31 20.64
N THR B 107 10.78 -32.27 21.83
CA THR B 107 10.14 -33.40 22.53
C THR B 107 8.65 -33.65 22.26
N GLU B 108 7.74 -33.25 23.08
CA GLU B 108 6.30 -33.48 22.95
C GLU B 108 5.77 -32.78 21.71
N GLY B 109 6.31 -31.66 21.50
CA GLY B 109 5.88 -31.00 20.25
C GLY B 109 6.23 -31.77 19.07
N ALA B 110 7.22 -32.36 18.79
CA ALA B 110 7.49 -33.01 17.57
C ALA B 110 6.31 -33.87 17.18
N GLU B 111 5.91 -34.61 18.28
CA GLU B 111 4.89 -35.63 18.16
C GLU B 111 3.55 -35.04 17.74
N LEU B 112 3.33 -33.75 18.32
CA LEU B 112 2.19 -32.89 18.10
C LEU B 112 2.53 -31.94 16.96
N VAL B 113 3.82 -31.60 16.97
CA VAL B 113 4.31 -30.73 15.91
C VAL B 113 4.04 -31.35 14.58
N ASP B 114 3.81 -32.67 14.69
CA ASP B 114 3.33 -33.33 13.51
C ASP B 114 1.81 -33.22 13.39
N SER B 115 1.10 -33.24 14.45
CA SER B 115 -0.36 -33.16 14.48
C SER B 115 -0.77 -31.77 14.14
N VAL B 116 0.18 -30.85 14.26
CA VAL B 116 -0.07 -29.51 13.81
C VAL B 116 0.10 -29.39 12.31
N LEU B 117 0.66 -30.30 11.69
CA LEU B 117 0.71 -30.35 10.25
C LEU B 117 -0.71 -30.52 9.69
N ASP B 118 -1.54 -31.37 10.27
CA ASP B 118 -2.89 -31.68 9.77
C ASP B 118 -3.77 -30.49 9.88
N VAL B 119 -3.63 -29.71 10.89
CA VAL B 119 -4.37 -28.50 11.01
C VAL B 119 -3.99 -27.55 9.89
N VAL B 120 -2.77 -27.39 9.63
CA VAL B 120 -2.25 -26.48 8.63
C VAL B 120 -2.65 -26.93 7.27
N ARG B 121 -2.59 -28.17 7.01
CA ARG B 121 -3.05 -28.69 5.75
C ARG B 121 -4.49 -28.33 5.47
N LYS B 122 -5.37 -28.61 6.40
CA LYS B 122 -6.81 -28.45 6.14
C LYS B 122 -7.12 -27.01 5.95
N GLU B 123 -6.49 -26.11 6.69
CA GLU B 123 -6.72 -24.72 6.56
C GLU B 123 -6.20 -24.19 5.25
N SER B 124 -4.98 -24.56 4.95
CA SER B 124 -4.32 -24.19 3.72
C SER B 124 -5.26 -24.46 2.56
N GLU B 125 -5.89 -25.63 2.67
CA GLU B 125 -6.70 -26.01 1.53
C GLU B 125 -7.83 -25.06 1.30
N SER B 126 -8.37 -24.31 1.83
CA SER B 126 -9.69 -23.84 2.19
C SER B 126 -10.43 -23.37 0.95
N CYS B 127 -9.73 -23.27 -0.12
CA CYS B 127 -10.33 -22.82 -1.37
C CYS B 127 -10.07 -21.36 -1.56
N ASP B 128 -9.16 -20.84 -0.77
CA ASP B 128 -8.81 -19.49 -0.84
C ASP B 128 -7.30 -19.29 -0.82
N CYS B 129 -6.86 -18.30 -1.30
CA CYS B 129 -5.40 -18.19 -1.34
C CYS B 129 -4.86 -17.57 -0.10
N LEU B 130 -4.29 -18.29 0.77
CA LEU B 130 -3.81 -17.94 2.08
C LEU B 130 -2.53 -17.11 1.98
N GLN B 131 -2.54 -16.01 2.66
CA GLN B 131 -1.39 -15.13 2.70
C GLN B 131 -0.92 -14.90 4.09
N GLY B 132 -1.49 -15.34 5.08
CA GLY B 132 -0.95 -15.26 6.43
C GLY B 132 -0.79 -16.57 7.16
N PHE B 133 0.19 -16.57 7.95
CA PHE B 133 0.48 -17.52 8.99
C PHE B 133 0.62 -16.86 10.31
N GLN B 134 -0.41 -16.92 11.03
CA GLN B 134 -0.45 -16.17 12.22
C GLN B 134 -0.27 -17.04 13.44
N LEU B 135 0.67 -16.67 14.27
CA LEU B 135 1.15 -17.48 15.37
C LEU B 135 1.37 -16.65 16.59
N THR B 136 0.77 -17.03 17.66
CA THR B 136 1.09 -16.41 18.91
C THR B 136 2.07 -17.18 19.62
N HIS B 137 2.88 -16.50 20.32
CA HIS B 137 3.97 -17.16 20.88
C HIS B 137 4.69 -16.36 21.96
N SER B 138 5.63 -17.12 22.80
CA SER B 138 6.14 -16.68 24.06
C SER B 138 7.61 -16.99 24.23
N LEU B 139 8.30 -15.93 24.22
CA LEU B 139 9.62 -16.05 24.81
C LEU B 139 9.51 -16.61 26.21
N GLY B 140 10.11 -17.72 26.43
CA GLY B 140 10.07 -18.37 27.72
C GLY B 140 8.84 -19.28 27.78
N GLY B 141 8.43 -19.70 26.64
CA GLY B 141 7.19 -20.49 26.53
C GLY B 141 7.36 -21.85 26.61
N GLY B 142 8.24 -22.66 26.80
CA GLY B 142 8.86 -23.70 26.09
C GLY B 142 7.92 -24.17 25.01
N THR B 143 6.72 -24.54 25.38
CA THR B 143 5.72 -25.01 24.44
C THR B 143 5.60 -24.04 23.28
N GLY B 144 5.47 -22.81 23.59
CA GLY B 144 5.34 -21.79 22.58
C GLY B 144 6.72 -21.49 21.99
N SER B 145 7.84 -21.43 23.03
CA SER B 145 9.15 -20.88 22.66
C SER B 145 9.83 -21.79 21.73
N GLY B 146 9.69 -23.05 21.96
CA GLY B 146 10.42 -23.99 21.18
C GLY B 146 9.51 -24.89 20.42
N MET B 147 8.16 -24.89 20.88
CA MET B 147 7.18 -25.43 19.97
C MET B 147 6.86 -24.39 18.94
N GLY B 148 6.91 -23.19 19.16
CA GLY B 148 6.50 -22.22 18.10
C GLY B 148 7.49 -22.17 17.05
N THR B 149 8.76 -22.35 17.37
CA THR B 149 9.82 -22.47 16.39
C THR B 149 9.70 -23.79 15.75
N LEU B 150 9.37 -24.81 16.16
CA LEU B 150 9.13 -25.96 15.36
C LEU B 150 8.04 -25.69 14.34
N LEU B 151 6.92 -25.23 14.77
CA LEU B 151 5.75 -24.93 13.95
C LEU B 151 6.15 -23.96 12.86
N ILE B 152 6.96 -22.98 13.21
CA ILE B 152 7.40 -21.95 12.29
C ILE B 152 8.31 -22.51 11.26
N SER B 153 9.13 -23.30 11.42
CA SER B 153 10.20 -23.86 10.67
C SER B 153 9.61 -24.74 9.62
N LYS B 154 8.73 -25.67 9.95
CA LYS B 154 8.07 -26.44 8.94
C LYS B 154 7.23 -25.57 8.03
N ILE B 155 6.59 -24.63 8.60
CA ILE B 155 5.74 -23.75 7.83
C ILE B 155 6.61 -22.90 6.91
N ARG B 156 7.82 -22.49 7.26
CA ARG B 156 8.67 -21.82 6.28
C ARG B 156 9.22 -22.81 5.36
N GLU B 157 9.44 -23.98 5.84
CA GLU B 157 10.01 -24.97 5.00
C GLU B 157 9.01 -25.30 3.91
N GLU B 158 7.72 -25.49 4.17
CA GLU B 158 6.74 -25.98 3.22
C GLU B 158 6.01 -24.86 2.54
N TYR B 159 6.02 -23.73 3.24
CA TYR B 159 5.35 -22.56 2.73
C TYR B 159 6.34 -21.41 2.65
N PRO B 160 7.40 -21.48 1.93
CA PRO B 160 8.37 -20.45 1.62
C PRO B 160 7.64 -19.28 1.12
N ASP B 161 6.71 -19.34 0.20
CA ASP B 161 6.10 -18.21 -0.45
C ASP B 161 5.39 -17.40 0.55
N ARG B 162 4.74 -18.02 1.57
CA ARG B 162 3.83 -17.33 2.41
C ARG B 162 4.56 -16.87 3.64
N ILE B 163 4.87 -15.46 3.64
CA ILE B 163 5.65 -14.94 4.74
C ILE B 163 4.85 -15.10 6.01
N MET B 164 5.54 -15.50 7.03
CA MET B 164 4.90 -15.75 8.29
C MET B 164 4.76 -14.48 9.02
N ASN B 165 3.65 -14.32 9.59
CA ASN B 165 3.43 -13.29 10.54
C ASN B 165 3.47 -13.87 11.94
N THR B 166 4.60 -13.42 12.78
CA THR B 166 4.39 -13.98 14.11
C THR B 166 4.34 -12.88 15.09
N PHE B 167 3.17 -12.98 15.98
CA PHE B 167 3.11 -12.27 17.20
C PHE B 167 4.13 -12.79 18.20
N SER B 168 4.72 -11.95 18.96
CA SER B 168 5.76 -12.28 19.91
C SER B 168 5.38 -11.84 21.27
N VAL B 169 5.86 -12.46 22.25
CA VAL B 169 5.96 -12.00 23.59
C VAL B 169 7.41 -12.10 24.10
N VAL B 170 8.04 -11.55 24.90
CA VAL B 170 9.44 -11.14 25.05
C VAL B 170 9.83 -11.22 26.51
N PRO B 171 10.98 -10.67 26.76
CA PRO B 171 11.58 -10.53 28.05
C PRO B 171 11.60 -9.15 28.40
N SER B 172 11.07 -8.68 29.31
CA SER B 172 11.42 -7.38 29.78
C SER B 172 12.01 -7.48 31.16
N PRO B 173 12.57 -6.43 31.62
CA PRO B 173 13.16 -6.36 32.92
C PRO B 173 12.13 -6.67 33.95
N LYS B 174 11.78 -7.92 34.13
CA LYS B 174 10.82 -8.33 35.16
C LYS B 174 10.59 -9.81 35.23
N VAL B 175 10.39 -10.51 34.18
CA VAL B 175 10.72 -11.87 34.33
C VAL B 175 9.48 -12.75 34.36
N SER B 176 9.75 -13.88 33.82
CA SER B 176 9.09 -15.16 33.99
C SER B 176 10.12 -16.23 33.91
N ASP B 177 10.06 -17.25 34.50
CA ASP B 177 10.91 -18.36 34.22
C ASP B 177 12.17 -18.32 35.08
N THR B 178 13.27 -18.36 35.03
CA THR B 178 14.68 -17.93 34.99
C THR B 178 15.33 -18.44 33.75
N VAL B 179 14.77 -19.42 33.16
CA VAL B 179 15.36 -19.98 31.99
C VAL B 179 15.07 -19.13 30.79
N VAL B 180 14.16 -18.25 30.93
CA VAL B 180 13.95 -17.25 29.89
C VAL B 180 15.00 -16.17 30.01
N GLU B 181 15.87 -16.12 29.80
CA GLU B 181 16.99 -15.66 29.00
C GLU B 181 17.15 -16.49 27.80
N PRO B 182 17.79 -17.58 27.91
CA PRO B 182 18.21 -18.45 26.89
C PRO B 182 17.04 -19.09 26.07
N TYR B 183 15.93 -19.46 26.71
CA TYR B 183 14.67 -20.13 26.16
C TYR B 183 14.16 -19.34 24.93
N ASN B 184 14.08 -18.08 25.09
CA ASN B 184 13.66 -17.17 24.03
C ASN B 184 14.87 -16.88 23.16
N ALA B 185 16.05 -17.29 23.59
CA ALA B 185 17.16 -17.01 22.69
C ALA B 185 17.24 -18.10 21.70
N THR B 186 16.78 -19.33 22.17
CA THR B 186 16.80 -20.37 21.21
C THR B 186 15.57 -20.28 20.31
N LEU B 187 14.47 -19.79 20.95
CA LEU B 187 13.26 -19.40 20.21
C LEU B 187 13.62 -18.38 19.15
N SER B 188 14.75 -17.82 19.28
CA SER B 188 15.24 -16.79 18.38
C SER B 188 15.82 -17.37 17.15
N VAL B 189 17.10 -18.09 17.42
CA VAL B 189 17.74 -18.41 16.19
C VAL B 189 16.69 -18.87 15.19
N HIS B 190 15.67 -19.47 15.75
CA HIS B 190 14.58 -19.95 14.92
C HIS B 190 13.67 -18.83 14.56
N GLN B 191 13.54 -17.74 15.11
CA GLN B 191 12.58 -16.72 14.76
C GLN B 191 13.20 -15.79 13.72
N LEU B 192 14.34 -15.60 13.48
CA LEU B 192 15.15 -14.87 12.51
C LEU B 192 15.16 -15.61 11.22
N VAL B 193 15.54 -16.53 10.56
CA VAL B 193 16.21 -17.67 10.09
C VAL B 193 15.25 -18.85 10.16
N GLU B 194 13.98 -18.64 10.48
CA GLU B 194 13.02 -19.72 10.65
C GLU B 194 11.75 -19.35 9.93
N ASN B 195 11.76 -18.52 8.94
CA ASN B 195 10.61 -18.20 8.09
C ASN B 195 9.57 -17.52 8.91
N THR B 196 9.77 -17.07 9.66
CA THR B 196 8.97 -16.07 10.23
C THR B 196 9.37 -14.73 9.66
N ASP B 197 8.46 -14.08 8.95
CA ASP B 197 8.71 -12.97 8.07
C ASP B 197 8.90 -11.76 8.88
N GLU B 198 7.94 -11.42 9.58
CA GLU B 198 8.03 -10.27 10.40
C GLU B 198 7.66 -10.63 11.81
N THR B 199 7.78 -10.23 12.60
CA THR B 199 7.91 -10.49 14.01
C THR B 199 7.46 -9.32 14.77
N TYR B 200 6.47 -9.59 15.59
CA TYR B 200 5.87 -8.64 16.44
C TYR B 200 6.44 -8.78 17.83
N CYS B 201 6.38 -7.72 18.51
CA CYS B 201 6.83 -7.67 19.88
C CYS B 201 5.67 -7.17 20.68
N ILE B 202 5.27 -7.25 21.61
CA ILE B 202 4.35 -7.38 22.73
C ILE B 202 5.15 -7.69 23.99
N ASP B 203 6.05 -6.91 24.46
CA ASP B 203 6.64 -7.06 25.77
C ASP B 203 5.60 -6.81 26.81
N ASN B 204 5.52 -7.66 27.80
CA ASN B 204 4.54 -7.46 28.83
C ASN B 204 5.03 -6.42 29.81
N GLU B 205 6.32 -6.12 29.85
CA GLU B 205 6.86 -5.13 30.76
C GLU B 205 6.63 -3.74 30.18
N ALA B 206 6.37 -3.65 28.88
CA ALA B 206 6.07 -2.39 28.15
C ALA B 206 4.57 -2.26 27.98
N LEU B 207 3.86 -3.34 28.00
CA LEU B 207 2.41 -3.32 27.83
C LEU B 207 1.77 -2.61 28.95
N TYR B 208 2.43 -2.64 30.09
CA TYR B 208 1.93 -2.02 31.27
C TYR B 208 2.05 -0.55 31.12
N ASP B 209 3.15 0.01 30.80
CA ASP B 209 3.27 1.43 30.61
C ASP B 209 2.03 1.94 29.90
N ILE B 210 1.66 1.24 28.88
CA ILE B 210 0.50 1.60 28.07
C ILE B 210 -0.80 1.47 28.82
N CYS B 211 -1.01 0.37 29.44
CA CYS B 211 -2.26 0.11 30.13
C CYS B 211 -2.28 0.82 31.41
N PHE B 212 -1.52 1.87 31.50
CA PHE B 212 -1.48 2.41 32.78
C PHE B 212 -1.04 3.84 32.80
N ARG B 213 -0.51 4.27 31.69
CA ARG B 213 -0.12 5.64 31.43
C ARG B 213 -1.20 6.23 30.55
N THR B 214 -1.11 5.79 29.36
CA THR B 214 -2.16 6.13 28.41
C THR B 214 -3.50 5.82 28.96
N LEU B 215 -3.57 4.68 29.48
CA LEU B 215 -4.74 4.22 30.13
C LEU B 215 -4.59 4.52 31.53
N LYS B 216 -5.68 4.50 32.15
CA LYS B 216 -5.63 4.69 33.58
C LYS B 216 -5.77 3.37 34.31
N LEU B 217 -6.78 2.35 33.87
CA LEU B 217 -7.02 0.95 34.51
C LEU B 217 -6.66 1.05 35.89
N THR B 218 -7.34 0.83 36.89
CA THR B 218 -6.54 1.20 38.06
C THR B 218 -5.43 0.15 38.42
N THR B 219 -5.86 -1.14 38.13
CA THR B 219 -5.17 -2.54 38.40
C THR B 219 -5.32 -3.33 37.08
N PRO B 220 -4.31 -3.45 36.21
CA PRO B 220 -4.47 -4.08 34.93
C PRO B 220 -4.74 -5.45 35.10
N THR B 221 -4.49 -6.10 34.10
CA THR B 221 -4.81 -7.42 34.13
C THR B 221 -4.28 -8.05 32.95
N TYR B 222 -4.07 -9.29 33.13
CA TYR B 222 -3.72 -10.07 32.05
C TYR B 222 -5.01 -10.09 31.19
N GLY B 223 -6.25 -10.12 31.57
CA GLY B 223 -7.22 -10.09 30.42
C GLY B 223 -7.23 -8.74 29.76
N ASP B 224 -6.97 -7.71 30.38
CA ASP B 224 -7.07 -6.41 29.83
C ASP B 224 -5.97 -6.12 28.85
N LEU B 225 -4.87 -6.79 29.11
CA LEU B 225 -3.75 -6.70 28.20
C LEU B 225 -4.10 -7.29 26.87
N ASN B 226 -5.14 -8.10 26.88
CA ASN B 226 -5.63 -8.72 25.68
C ASN B 226 -6.49 -7.70 24.87
N HIS B 227 -7.18 -6.75 25.53
CA HIS B 227 -7.66 -5.57 24.78
C HIS B 227 -6.33 -5.11 24.11
N LEU B 228 -5.28 -4.58 24.73
CA LEU B 228 -4.10 -4.01 23.93
C LEU B 228 -3.75 -4.65 22.58
N VAL B 229 -3.42 -5.89 22.60
CA VAL B 229 -2.95 -6.58 21.43
C VAL B 229 -3.96 -6.65 20.32
N SER B 230 -5.19 -6.88 20.63
CA SER B 230 -6.14 -6.97 19.56
C SER B 230 -5.91 -5.80 18.64
N ALA B 231 -5.57 -4.72 19.24
CA ALA B 231 -5.32 -3.48 18.55
C ALA B 231 -4.25 -3.64 17.52
N THR B 232 -3.13 -4.14 17.96
CA THR B 232 -1.94 -4.34 17.18
C THR B 232 -2.21 -5.37 16.16
N MET B 233 -2.97 -6.29 16.17
CA MET B 233 -3.26 -7.26 15.19
C MET B 233 -4.34 -6.80 14.24
N SER B 234 -5.42 -6.24 14.70
CA SER B 234 -6.55 -5.85 13.84
C SER B 234 -6.08 -4.91 12.73
N GLY B 235 -5.16 -4.03 13.05
CA GLY B 235 -4.62 -3.09 12.07
C GLY B 235 -3.90 -3.83 11.01
N VAL B 236 -3.19 -4.81 11.43
CA VAL B 236 -2.39 -5.50 10.49
C VAL B 236 -3.30 -6.45 9.73
N THR B 237 -3.98 -7.37 10.60
CA THR B 237 -4.77 -8.45 10.05
C THR B 237 -6.07 -7.94 9.45
N THR B 238 -7.01 -7.39 10.21
CA THR B 238 -8.18 -6.77 9.65
C THR B 238 -7.80 -5.63 8.73
N CYS B 239 -6.95 -4.73 9.15
CA CYS B 239 -6.81 -3.50 8.39
C CYS B 239 -6.09 -3.73 7.11
N LEU B 240 -6.72 -3.33 6.03
CA LEU B 240 -6.08 -3.55 4.77
C LEU B 240 -6.65 -4.79 4.18
N ARG B 241 -7.12 -5.52 5.02
CA ARG B 241 -7.94 -6.67 4.69
C ARG B 241 -9.41 -6.31 4.60
N PHE B 242 -9.64 -5.56 5.45
CA PHE B 242 -10.88 -5.09 5.38
C PHE B 242 -10.73 -4.01 4.38
N PRO B 243 -11.73 -3.52 3.95
CA PRO B 243 -11.77 -2.77 2.67
C PRO B 243 -10.48 -1.93 2.33
N GLY B 244 -10.67 -0.65 1.92
CA GLY B 244 -9.54 0.40 1.93
C GLY B 244 -8.99 1.16 0.67
N GLN B 245 -8.77 2.46 0.86
CA GLN B 245 -7.98 3.32 0.01
C GLN B 245 -6.51 3.31 0.40
N LEU B 246 -5.59 3.26 0.12
CA LEU B 246 -4.31 2.59 -0.01
C LEU B 246 -4.35 1.37 0.88
N ASN B 247 -4.26 0.26 0.40
CA ASN B 247 -4.40 -0.94 1.20
C ASN B 247 -3.09 -1.66 1.13
N ALA B 248 -2.68 -2.20 2.26
CA ALA B 248 -1.44 -2.93 2.34
C ALA B 248 -1.75 -4.35 2.70
N ASP B 249 -1.48 -5.17 1.78
CA ASP B 249 -1.64 -6.57 2.07
C ASP B 249 -0.45 -7.05 2.90
N LEU B 250 -0.77 -8.12 3.57
CA LEU B 250 0.28 -8.62 4.45
C LEU B 250 1.66 -8.60 3.84
N ARG B 251 1.74 -8.77 2.59
CA ARG B 251 3.05 -8.83 2.00
C ARG B 251 3.74 -7.47 1.95
N LYS B 252 2.95 -6.45 1.98
CA LYS B 252 3.51 -5.09 2.07
C LYS B 252 4.15 -5.00 3.41
N LEU B 253 3.57 -5.76 4.30
CA LEU B 253 4.11 -5.85 5.62
C LEU B 253 5.48 -6.47 5.53
N ALA B 254 5.84 -7.38 4.78
CA ALA B 254 7.15 -7.99 4.82
C ALA B 254 8.15 -7.18 3.99
N VAL B 255 7.92 -6.36 3.08
CA VAL B 255 8.84 -5.49 2.35
C VAL B 255 8.88 -4.16 2.97
N ASN B 256 7.94 -3.80 3.74
CA ASN B 256 7.97 -2.52 4.30
C ASN B 256 8.85 -2.49 5.52
N MET B 257 8.81 -3.53 6.31
CA MET B 257 9.54 -3.57 7.57
C MET B 257 10.79 -4.38 7.45
N VAL B 258 10.90 -5.25 6.63
CA VAL B 258 12.21 -5.85 6.51
C VAL B 258 12.97 -5.20 5.38
N PRO B 259 14.21 -4.81 5.77
CA PRO B 259 15.07 -4.32 4.74
C PRO B 259 16.24 -5.10 4.56
N PHE B 260 15.94 -6.30 4.55
CA PHE B 260 16.91 -7.27 4.45
C PHE B 260 16.35 -8.54 5.00
N PRO B 261 17.08 -9.56 4.85
CA PRO B 261 16.70 -10.90 5.31
C PRO B 261 16.65 -11.42 6.68
N ARG B 262 17.61 -11.10 7.50
CA ARG B 262 17.52 -11.64 8.83
C ARG B 262 16.17 -11.14 9.33
N LEU B 263 15.57 -11.83 10.27
CA LEU B 263 14.21 -11.54 10.72
C LEU B 263 14.06 -10.20 11.31
N HIS B 264 13.46 -9.34 10.54
CA HIS B 264 13.20 -8.03 10.97
C HIS B 264 12.03 -8.06 11.89
N PHE B 265 12.34 -7.50 12.97
CA PHE B 265 11.49 -7.40 14.10
C PHE B 265 10.98 -6.02 14.22
N PHE B 266 9.80 -5.96 14.75
CA PHE B 266 9.16 -4.72 14.88
C PHE B 266 8.51 -4.54 16.21
N MET B 267 8.20 -3.33 16.36
CA MET B 267 7.51 -2.82 17.48
C MET B 267 6.18 -2.28 16.97
N PRO B 268 5.11 -2.37 17.68
CA PRO B 268 3.91 -1.84 17.13
C PRO B 268 3.18 -1.17 18.17
N GLY B 269 2.24 0.07 17.86
CA GLY B 269 1.44 0.79 18.75
C GLY B 269 0.00 0.96 18.26
N PHE B 270 -0.81 1.23 19.23
CA PHE B 270 -2.19 1.56 18.92
C PHE B 270 -2.51 2.83 19.57
N ALA B 271 -2.92 3.83 18.89
CA ALA B 271 -3.23 5.04 19.55
C ALA B 271 -4.72 5.33 19.39
N PRO B 272 -5.28 5.79 20.25
CA PRO B 272 -6.65 5.65 20.67
C PRO B 272 -6.68 4.92 21.95
N LEU B 273 -5.60 5.08 22.69
CA LEU B 273 -5.42 4.46 23.99
C LEU B 273 -6.35 5.08 24.98
N THR B 274 -6.82 5.84 25.48
CA THR B 274 -7.68 6.97 25.35
C THR B 274 -7.91 7.53 26.72
N SER B 275 -8.15 6.77 27.85
CA SER B 275 -8.69 6.94 29.15
C SER B 275 -10.20 6.98 29.11
N ARG B 276 -10.85 6.11 29.83
CA ARG B 276 -12.30 6.00 29.84
C ARG B 276 -12.91 7.32 29.92
N GLY B 277 -12.46 7.97 31.05
CA GLY B 277 -12.97 9.27 31.29
C GLY B 277 -12.34 10.31 30.38
N SER B 278 -11.02 10.37 30.42
CA SER B 278 -10.32 11.32 29.57
C SER B 278 -10.85 11.26 28.16
N GLN B 279 -11.86 10.48 28.09
CA GLN B 279 -12.36 10.10 26.81
C GLN B 279 -12.45 11.27 25.87
N GLN B 280 -12.40 12.45 26.32
CA GLN B 280 -12.85 13.70 25.81
C GLN B 280 -11.76 14.43 25.04
N TYR B 281 -10.55 14.01 25.07
CA TYR B 281 -9.45 14.69 24.39
C TYR B 281 -9.35 14.22 22.99
N ARG B 282 -9.08 15.11 22.09
CA ARG B 282 -8.82 15.12 20.68
C ARG B 282 -9.60 14.00 20.03
N ALA B 283 -10.63 14.52 19.30
CA ALA B 283 -11.68 13.77 18.63
C ALA B 283 -11.08 12.83 17.69
N LEU B 284 -10.44 11.81 18.25
CA LEU B 284 -9.77 10.84 17.47
C LEU B 284 -8.82 11.51 16.49
N THR B 285 -7.80 12.20 16.93
CA THR B 285 -6.99 13.02 16.08
C THR B 285 -6.10 12.23 15.22
N VAL B 286 -5.56 13.10 14.04
CA VAL B 286 -4.51 12.41 13.36
C VAL B 286 -3.16 12.67 14.03
N PRO B 287 -2.90 13.93 14.26
CA PRO B 287 -1.67 14.29 14.93
C PRO B 287 -1.68 13.68 16.27
N GLU B 288 -2.95 13.53 16.44
CA GLU B 288 -3.18 12.77 17.65
C GLU B 288 -2.74 11.38 17.50
N LEU B 289 -3.14 11.07 16.38
CA LEU B 289 -2.89 9.81 16.13
C LEU B 289 -1.46 9.58 15.72
N THR B 290 -0.81 10.45 15.03
CA THR B 290 0.62 10.46 14.73
C THR B 290 1.43 10.72 15.98
N GLN B 291 1.10 11.56 16.65
CA GLN B 291 1.73 11.85 17.91
C GLN B 291 1.96 10.62 18.72
N GLN B 292 0.89 9.86 18.81
CA GLN B 292 0.93 8.77 19.78
C GLN B 292 1.57 7.57 19.20
N MET B 293 1.84 7.66 17.93
CA MET B 293 2.39 6.56 17.23
C MET B 293 3.93 6.50 17.31
N PHE B 294 4.59 7.48 17.84
CA PHE B 294 6.09 7.49 17.95
C PHE B 294 6.54 7.69 19.37
N ASP B 295 5.73 8.27 20.05
CA ASP B 295 6.33 8.57 21.34
C ASP B 295 7.09 7.40 21.87
N ALA B 296 8.09 7.66 22.64
CA ALA B 296 8.69 6.66 23.50
C ALA B 296 7.61 5.93 24.27
N LYS B 297 6.34 6.58 24.62
CA LYS B 297 5.44 6.08 25.66
C LYS B 297 4.25 5.36 25.05
N ASN B 298 4.23 5.37 23.87
CA ASN B 298 3.01 4.70 23.44
C ASN B 298 3.35 3.49 22.69
N MET B 299 4.64 3.04 22.69
CA MET B 299 4.88 1.87 21.96
C MET B 299 4.53 0.64 22.83
N MET B 300 3.88 -0.33 22.24
CA MET B 300 3.42 -1.52 22.97
C MET B 300 4.46 -2.60 22.85
N ALA B 301 5.71 -2.23 23.15
CA ALA B 301 6.86 -3.11 23.13
C ALA B 301 7.83 -2.81 24.26
N ALA B 302 8.98 -3.61 24.43
CA ALA B 302 9.94 -3.55 25.52
C ALA B 302 11.18 -2.76 25.09
N CYS B 303 11.21 -2.32 23.84
CA CYS B 303 12.22 -1.32 23.46
C CYS B 303 11.63 0.03 23.56
N ASP B 304 12.38 0.95 24.04
CA ASP B 304 12.00 2.32 23.96
C ASP B 304 12.66 3.00 22.78
N PRO B 305 12.01 3.20 21.70
CA PRO B 305 12.65 3.24 20.44
C PRO B 305 13.59 4.40 20.30
N ARG B 306 13.38 5.34 21.13
CA ARG B 306 14.10 6.60 21.10
C ARG B 306 15.63 6.45 20.98
N HIS B 307 16.18 5.47 21.64
CA HIS B 307 17.61 5.18 21.48
C HIS B 307 17.74 4.58 20.14
N GLY B 308 17.85 5.24 19.40
CA GLY B 308 18.49 4.94 18.15
C GLY B 308 17.68 5.50 17.01
N ARG B 309 17.83 4.79 15.81
CA ARG B 309 17.01 5.14 14.66
C ARG B 309 16.17 3.95 14.26
N TYR B 310 14.93 4.17 13.84
CA TYR B 310 14.15 3.11 13.26
C TYR B 310 14.70 2.90 11.87
N LEU B 311 14.57 1.71 11.45
CA LEU B 311 14.84 1.33 10.08
C LEU B 311 13.53 0.69 9.61
N THR B 312 12.82 1.40 8.85
CA THR B 312 11.46 1.15 8.40
C THR B 312 10.51 1.64 9.45
N VAL B 313 9.52 2.34 9.04
CA VAL B 313 8.36 2.62 9.86
C VAL B 313 7.07 2.45 9.06
N ALA B 314 6.31 1.39 9.41
CA ALA B 314 5.01 1.15 8.79
C ALA B 314 3.89 1.59 9.68
N ALA B 315 3.16 2.63 9.36
CA ALA B 315 2.02 3.03 10.14
C ALA B 315 0.73 2.87 9.36
N VAL B 316 -0.31 2.53 10.10
CA VAL B 316 -1.64 2.31 9.53
C VAL B 316 -2.75 2.97 10.32
N PHE B 317 -3.56 3.77 9.58
CA PHE B 317 -4.72 4.49 10.12
C PHE B 317 -6.04 4.31 9.39
N ARG B 318 -6.98 3.82 10.16
CA ARG B 318 -8.26 3.43 9.61
C ARG B 318 -9.39 4.09 10.30
N GLY B 319 -9.44 5.39 10.17
CA GLY B 319 -10.53 6.13 10.76
C GLY B 319 -11.48 6.72 9.81
N ARG B 320 -11.68 7.00 8.99
CA ARG B 320 -12.22 7.41 7.71
C ARG B 320 -11.67 8.76 7.31
N MET B 321 -10.54 9.18 7.83
CA MET B 321 -9.99 10.49 7.64
C MET B 321 -9.32 10.56 6.30
N SER B 322 -8.84 11.78 5.98
CA SER B 322 -8.15 12.18 4.77
C SER B 322 -6.95 11.32 4.57
N MET B 323 -7.05 10.87 3.29
CA MET B 323 -5.88 10.29 2.71
C MET B 323 -4.78 11.32 2.48
N LYS B 324 -5.13 12.49 2.48
CA LYS B 324 -4.22 13.63 2.44
C LYS B 324 -3.78 13.97 3.84
N GLU B 325 -4.64 13.84 4.78
CA GLU B 325 -4.44 14.19 6.15
C GLU B 325 -3.44 13.28 6.83
N VAL B 326 -3.51 11.96 6.66
CA VAL B 326 -2.63 11.03 7.32
C VAL B 326 -1.21 11.19 6.77
N ASP B 327 -1.11 11.28 5.42
CA ASP B 327 0.18 11.39 4.75
C ASP B 327 0.81 12.73 4.98
N GLU B 328 0.07 13.76 5.09
CA GLU B 328 0.63 15.05 5.35
C GLU B 328 1.16 15.09 6.77
N GLN B 329 0.52 14.29 7.67
CA GLN B 329 0.95 14.39 9.05
C GLN B 329 2.13 13.50 9.26
N MET B 330 2.35 12.50 8.95
CA MET B 330 3.41 11.56 9.14
C MET B 330 4.76 12.18 8.77
N LEU B 331 4.85 13.21 8.06
CA LEU B 331 6.08 13.88 7.62
C LEU B 331 6.73 14.54 8.79
N ASN B 332 5.92 15.15 9.55
CA ASN B 332 6.30 15.91 10.70
C ASN B 332 6.97 15.03 11.73
N VAL B 333 6.68 13.96 11.78
CA VAL B 333 7.30 12.93 12.59
C VAL B 333 8.70 12.66 12.09
N GLN B 334 8.81 12.68 10.79
CA GLN B 334 10.05 12.30 10.14
C GLN B 334 11.10 13.39 10.24
N ASN B 335 10.76 14.56 10.63
CA ASN B 335 11.69 15.66 10.55
C ASN B 335 12.13 16.05 11.93
N LYS B 336 11.49 15.82 12.87
CA LYS B 336 11.89 15.82 14.25
C LYS B 336 12.13 14.42 14.74
N ASN B 337 12.95 13.77 14.03
CA ASN B 337 13.26 12.41 14.37
C ASN B 337 14.39 11.95 13.52
N SER B 338 15.04 12.89 12.88
CA SER B 338 16.16 12.58 12.02
C SER B 338 17.06 11.59 12.70
N SER B 339 17.55 12.04 13.34
CA SER B 339 18.47 11.05 13.86
C SER B 339 17.73 9.73 13.97
N TYR B 340 16.40 9.70 13.84
CA TYR B 340 15.56 8.52 14.01
C TYR B 340 15.21 7.96 12.70
N PHE B 341 15.96 8.42 11.75
CA PHE B 341 15.74 8.01 10.43
C PHE B 341 16.99 7.94 9.71
N VAL B 342 16.87 6.71 9.42
CA VAL B 342 17.85 5.85 9.00
C VAL B 342 18.75 6.30 7.87
N GLU B 343 19.19 7.17 7.37
CA GLU B 343 19.71 7.95 6.26
C GLU B 343 19.68 7.20 5.05
N TRP B 344 19.79 5.96 5.20
CA TRP B 344 19.26 5.32 4.13
C TRP B 344 17.91 5.10 4.48
N ILE B 345 17.51 4.99 3.58
CA ILE B 345 16.04 4.86 3.62
C ILE B 345 15.42 6.20 3.44
N PRO B 346 14.80 6.39 2.44
CA PRO B 346 13.67 7.15 1.97
C PRO B 346 12.60 6.38 1.44
N ASN B 347 11.83 7.04 2.05
CA ASN B 347 10.58 6.94 2.51
C ASN B 347 10.90 6.09 3.67
N ASN B 348 10.91 6.71 4.77
CA ASN B 348 11.20 6.07 6.01
C ASN B 348 9.89 5.67 6.65
N VAL B 349 8.84 6.21 6.10
CA VAL B 349 7.51 5.92 6.61
C VAL B 349 6.49 5.67 5.56
N LYS B 350 5.94 4.51 5.70
CA LYS B 350 4.83 4.07 4.91
C LYS B 350 3.56 4.25 5.68
N THR B 351 2.53 4.58 4.98
CA THR B 351 1.22 4.76 5.56
C THR B 351 0.15 4.03 4.79
N ALA B 352 -0.70 3.28 5.47
CA ALA B 352 -1.83 2.62 4.86
C ALA B 352 -3.15 3.06 5.42
N VAL B 353 -4.17 3.18 4.70
CA VAL B 353 -5.47 3.45 5.26
C VAL B 353 -6.53 2.49 4.77
N CYS B 354 -7.32 2.01 5.73
CA CYS B 354 -8.49 1.19 5.48
C CYS B 354 -9.76 1.87 5.83
N ASP B 355 -10.93 1.54 5.80
CA ASP B 355 -12.10 2.28 5.56
C ASP B 355 -13.10 2.09 6.65
N ILE B 356 -12.78 1.50 7.75
CA ILE B 356 -13.75 1.27 8.78
C ILE B 356 -13.06 1.42 10.13
N PRO B 357 -13.49 2.33 10.88
CA PRO B 357 -12.80 2.49 12.14
C PRO B 357 -13.41 1.62 13.24
N PRO B 358 -12.24 1.19 13.72
CA PRO B 358 -12.56 0.14 14.67
C PRO B 358 -13.90 0.34 15.35
N ARG B 359 -14.67 -0.73 15.44
CA ARG B 359 -15.96 -0.75 16.08
C ARG B 359 -15.86 -0.09 17.39
N GLY B 360 -16.46 1.05 17.40
CA GLY B 360 -16.48 1.86 18.56
C GLY B 360 -15.26 2.67 18.97
N LEU B 361 -14.12 3.11 18.40
CA LEU B 361 -13.12 4.16 18.52
C LEU B 361 -13.48 5.32 17.65
N LYS B 362 -14.05 5.10 16.73
CA LYS B 362 -14.33 5.98 15.63
C LYS B 362 -13.14 6.12 14.74
N MET B 363 -11.86 6.32 15.21
CA MET B 363 -10.77 6.52 14.30
C MET B 363 -9.47 5.96 14.86
N SER B 364 -8.62 5.22 14.03
CA SER B 364 -7.65 4.29 14.51
C SER B 364 -6.27 4.62 13.98
N ALA B 365 -5.29 4.07 14.57
CA ALA B 365 -3.88 4.23 14.31
C ALA B 365 -3.12 3.01 14.69
N THR B 366 -2.51 2.38 13.74
CA THR B 366 -1.65 1.24 14.02
C THR B 366 -0.24 1.60 13.57
N PHE B 367 0.75 1.05 14.23
CA PHE B 367 2.15 1.36 13.93
C PHE B 367 3.02 0.15 13.93
N ILE B 368 3.94 0.19 13.02
CA ILE B 368 4.94 -0.82 12.84
C ILE B 368 6.31 -0.17 12.63
N GLY B 369 7.38 -0.91 12.81
CA GLY B 369 8.74 -0.36 12.60
C GLY B 369 9.86 -1.16 13.19
N ASN B 370 11.04 -0.96 12.66
CA ASN B 370 12.30 -1.42 13.16
C ASN B 370 13.29 -0.29 13.29
N SER B 371 13.73 0.02 14.18
CA SER B 371 14.85 0.89 14.42
C SER B 371 16.07 0.14 14.89
N THR B 372 17.07 0.98 15.10
CA THR B 372 18.36 0.62 15.60
C THR B 372 18.26 0.22 17.04
N ALA B 373 17.16 0.60 17.61
CA ALA B 373 16.95 0.43 19.04
C ALA B 373 16.94 -0.98 19.56
N ILE B 374 16.55 -1.84 18.80
CA ILE B 374 16.43 -3.16 19.25
C ILE B 374 17.79 -3.76 19.53
N GLN B 375 18.80 -3.23 18.88
CA GLN B 375 20.05 -3.74 19.38
C GLN B 375 20.03 -3.89 20.87
N GLU B 376 18.87 -3.37 21.29
CA GLU B 376 18.55 -3.36 22.69
C GLU B 376 17.84 -4.63 23.10
N LEU B 377 16.61 -4.81 22.69
CA LEU B 377 15.76 -5.91 23.14
C LEU B 377 16.55 -7.15 23.21
N PHE B 378 18.02 -6.99 22.52
CA PHE B 378 18.56 -8.29 22.57
C PHE B 378 19.84 -8.32 23.40
N LYS B 379 20.54 -7.19 23.31
CA LYS B 379 21.79 -6.96 23.99
C LYS B 379 21.52 -7.01 25.44
N ARG B 380 20.29 -7.46 25.69
CA ARG B 380 19.77 -7.66 27.02
C ARG B 380 19.54 -9.14 27.27
N ILE B 381 19.02 -9.87 26.31
CA ILE B 381 18.77 -11.31 26.50
C ILE B 381 20.06 -12.06 26.30
N SER B 382 21.02 -11.44 25.65
CA SER B 382 22.30 -12.00 25.32
C SER B 382 23.32 -11.81 26.41
N GLU B 383 23.23 -10.66 26.97
CA GLU B 383 24.01 -10.51 28.17
C GLU B 383 23.62 -11.54 29.20
N GLN B 384 22.33 -11.81 29.04
CA GLN B 384 21.58 -12.76 29.80
C GLN B 384 21.99 -14.14 29.50
N PHE B 385 22.00 -14.44 28.24
CA PHE B 385 22.39 -15.74 27.84
C PHE B 385 23.83 -16.11 28.15
N THR B 386 24.77 -15.30 27.79
CA THR B 386 26.17 -15.59 28.03
C THR B 386 26.45 -15.79 29.48
N ALA B 387 25.84 -15.01 30.30
CA ALA B 387 26.03 -15.04 31.72
C ALA B 387 25.07 -16.03 32.38
N MET B 388 24.04 -16.50 31.65
CA MET B 388 23.02 -17.39 32.19
C MET B 388 23.32 -18.74 31.72
N PHE B 389 22.34 -19.20 30.91
CA PHE B 389 22.26 -20.51 30.36
C PHE B 389 23.64 -20.97 29.91
N ARG B 390 24.26 -20.21 29.02
CA ARG B 390 25.57 -20.55 28.47
C ARG B 390 26.69 -20.29 29.46
N ARG B 391 26.87 -19.60 30.22
CA ARG B 391 27.51 -19.27 31.46
C ARG B 391 28.01 -20.47 32.18
N LYS B 392 27.67 -20.56 33.42
CA LYS B 392 28.05 -21.66 34.26
C LYS B 392 27.02 -22.75 34.18
N ALA B 393 26.23 -23.19 33.25
CA ALA B 393 25.08 -23.57 32.39
C ALA B 393 23.83 -23.95 33.19
N PHE B 394 22.67 -23.52 32.57
CA PHE B 394 21.38 -23.91 33.11
C PHE B 394 20.56 -24.69 32.08
N LEU B 395 20.94 -25.95 31.82
CA LEU B 395 20.22 -26.65 30.78
C LEU B 395 20.17 -28.10 31.04
N HIS B 396 20.23 -28.50 32.24
CA HIS B 396 20.13 -29.88 32.56
C HIS B 396 18.75 -30.28 32.29
N TRP B 397 17.97 -29.32 32.44
CA TRP B 397 16.57 -29.43 32.28
C TRP B 397 16.26 -29.54 30.86
N TYR B 398 16.90 -28.73 30.11
CA TYR B 398 16.73 -28.81 28.72
C TYR B 398 17.59 -29.96 28.20
N THR B 399 18.78 -30.22 28.85
CA THR B 399 19.83 -31.24 28.48
C THR B 399 19.24 -32.60 28.39
N GLY B 400 18.09 -32.91 28.96
CA GLY B 400 17.36 -34.13 28.81
C GLY B 400 16.33 -34.09 27.70
N GLU B 401 16.00 -32.92 27.25
CA GLU B 401 14.86 -32.75 26.37
C GLU B 401 15.22 -33.08 24.97
N GLY B 402 16.32 -32.99 24.31
CA GLY B 402 17.44 -33.40 23.51
C GLY B 402 18.11 -32.22 22.84
N MET B 403 19.02 -31.20 23.40
CA MET B 403 19.94 -30.15 22.92
C MET B 403 21.21 -30.21 23.74
N ASP B 404 22.32 -30.41 23.08
CA ASP B 404 23.62 -30.55 23.74
C ASP B 404 24.61 -29.54 23.19
N GLU B 405 25.31 -28.86 23.73
CA GLU B 405 25.92 -27.56 23.73
C GLU B 405 25.31 -26.70 22.66
N MET B 406 24.73 -27.32 21.68
CA MET B 406 24.09 -26.68 20.54
C MET B 406 22.71 -26.19 20.90
N GLU B 407 22.36 -25.11 20.27
CA GLU B 407 21.09 -24.48 20.49
C GLU B 407 21.21 -23.56 21.63
N PHE B 408 22.10 -23.37 22.02
CA PHE B 408 22.61 -22.43 22.95
C PHE B 408 23.73 -21.60 22.34
N THR B 409 24.82 -22.21 21.96
CA THR B 409 26.00 -21.52 21.46
C THR B 409 25.72 -20.93 20.10
N GLU B 410 24.99 -21.63 19.33
CA GLU B 410 24.60 -21.20 18.02
C GLU B 410 23.56 -20.14 18.13
N ALA B 411 22.74 -20.16 19.16
CA ALA B 411 21.70 -19.22 19.27
C ALA B 411 22.26 -17.93 19.77
N GLU B 412 23.39 -17.90 20.48
CA GLU B 412 23.97 -16.68 20.96
C GLU B 412 24.78 -16.03 19.85
N SER B 413 25.45 -16.78 19.11
CA SER B 413 26.35 -16.25 18.13
C SER B 413 25.58 -15.76 16.91
N ASN B 414 24.49 -16.44 16.60
CA ASN B 414 23.70 -16.10 15.42
C ASN B 414 22.81 -14.95 15.69
N MET B 415 22.23 -14.89 16.90
CA MET B 415 21.36 -13.93 17.45
C MET B 415 22.14 -12.76 17.93
N ASN B 416 23.42 -13.02 18.19
CA ASN B 416 24.38 -12.03 18.64
C ASN B 416 24.65 -11.04 17.53
N ASP B 417 25.40 -11.48 16.56
CA ASP B 417 25.75 -10.73 15.41
C ASP B 417 24.59 -9.92 14.92
N LEU B 418 23.43 -10.50 15.40
CA LEU B 418 22.22 -9.74 15.20
C LEU B 418 22.40 -8.40 15.77
N VAL B 419 23.03 -8.40 16.94
CA VAL B 419 23.28 -7.20 17.63
C VAL B 419 24.28 -6.33 16.88
N SER B 420 25.36 -6.99 16.39
CA SER B 420 26.34 -6.22 15.67
C SER B 420 25.82 -5.85 14.30
N GLU B 421 25.25 -6.83 13.63
CA GLU B 421 24.79 -6.53 12.30
C GLU B 421 23.70 -5.50 12.29
N TYR B 422 22.84 -5.60 13.25
CA TYR B 422 21.75 -4.67 13.39
C TYR B 422 22.32 -3.28 13.57
N GLN B 423 23.25 -3.15 14.51
CA GLN B 423 23.87 -1.90 14.81
C GLN B 423 24.55 -1.29 13.62
N GLN B 424 24.95 -2.29 12.95
CA GLN B 424 25.71 -1.82 11.82
C GLN B 424 25.07 -0.62 11.18
N TYR B 425 23.78 -0.65 11.15
CA TYR B 425 23.04 0.45 10.61
C TYR B 425 23.06 1.49 11.60
N GLN B 426 23.69 2.53 11.20
CA GLN B 426 23.73 3.66 11.98
C GLN B 426 24.54 3.48 13.24
N ASP B 427 25.65 3.25 13.33
CA ASP B 427 26.85 3.53 14.12
C ASP B 427 27.74 4.54 13.39
PG GTP C . 0.72 -3.10 -5.03
O1G GTP C . 0.05 -3.66 -6.23
O2G GTP C . 2.23 -3.42 -5.26
O3G GTP C . 0.25 -3.95 -3.76
O3B GTP C . 0.48 -1.55 -4.93
PB GTP C . -0.98 -0.90 -5.02
O1B GTP C . -1.48 -1.35 -3.74
O2B GTP C . -1.83 -0.95 -6.25
O3A GTP C . -0.62 0.56 -4.77
PA GTP C . -0.97 1.31 -3.47
O1A GTP C . 0.03 0.91 -2.43
O2A GTP C . -2.42 1.08 -3.23
O5' GTP C . -0.68 2.77 -3.88
C5' GTP C . 0.60 3.16 -4.31
C4' GTP C . 0.68 4.60 -4.41
O4' GTP C . -0.50 4.98 -5.12
C3' GTP C . 0.66 5.27 -3.11
O3' GTP C . 1.72 6.20 -3.04
C2' GTP C . -0.62 6.02 -3.14
O2' GTP C . -0.44 7.25 -2.60
C1' GTP C . -0.96 6.13 -4.59
N9 GTP C . -2.39 6.13 -4.81
C8 GTP C . -3.25 5.06 -4.77
N7 GTP C . -4.50 5.36 -4.99
C5 GTP C . -4.46 6.72 -5.17
C6 GTP C . -5.50 7.58 -5.53
O6 GTP C . -6.67 7.32 -5.77
N1 GTP C . -5.02 8.83 -5.74
C2 GTP C . -3.72 9.22 -5.57
N2 GTP C . -3.47 10.49 -5.76
N3 GTP C . -2.73 8.42 -5.25
C4 GTP C . -3.17 7.19 -5.08
PB GDP D . 4.96 -21.08 27.71
O1B GDP D . 5.94 -20.80 26.73
O2B GDP D . 3.64 -21.55 27.31
O3B GDP D . 5.58 -21.99 28.78
O3A GDP D . 4.79 -19.75 28.43
PA GDP D . 3.48 -18.96 28.69
O1A GDP D . 3.03 -18.31 27.46
O2A GDP D . 2.54 -19.76 29.48
O5' GDP D . 4.13 -17.87 29.62
C5' GDP D . 5.37 -17.28 29.28
C4' GDP D . 5.41 -15.86 29.66
O4' GDP D . 4.44 -15.17 28.92
C3' GDP D . 5.12 -15.61 31.11
O3' GDP D . 6.32 -15.47 31.84
C2' GDP D . 4.22 -14.44 31.11
O2' GDP D . 4.86 -13.25 31.39
C1' GDP D . 3.63 -14.41 29.76
N9 GDP D . 2.23 -14.85 29.71
C8 GDP D . 1.57 -15.94 30.17
N7 GDP D . 0.29 -15.98 29.93
C5 GDP D . 0.07 -14.81 29.26
C6 GDP D . -1.14 -14.27 28.72
O6 GDP D . -2.25 -14.76 28.75
N1 GDP D . -0.91 -13.05 28.09
C2 GDP D . 0.34 -12.41 27.99
N2 GDP D . 0.40 -11.28 27.38
N3 GDP D . 1.44 -12.91 28.50
C4 GDP D . 1.25 -14.11 29.11
C1 TXL E . -14.20 0.01 24.97
C2 TXL E . -12.92 0.56 25.83
C3 TXL E . -11.95 1.39 25.01
C4 TXL E . -10.40 1.02 25.43
C5 TXL E . -9.25 1.96 25.24
C6 TXL E . -9.63 3.20 24.58
C7 TXL E . -11.15 3.35 24.01
C8 TXL E . -12.13 2.76 25.07
C9 TXL E . -13.60 3.30 24.48
C10 TXL E . -14.38 2.97 23.12
C11 TXL E . -14.64 1.65 23.12
C12 TXL E . -14.20 1.05 22.11
C13 TXL E . -14.26 -0.29 22.36
C14 TXL E . -13.69 -0.72 23.86
C15 TXL E . -15.31 0.97 24.30
C16 TXL E . -15.71 1.75 25.41
C17 TXL E . -16.71 0.40 23.73
C18 TXL E . -13.60 1.58 20.83
C19 TXL E . -11.77 3.17 26.52
C20 TXL E . -9.79 0.92 26.98
O1 TXL E . -14.81 -0.83 25.91
O2 TXL E . -12.10 -0.46 26.46
O3 TXL E . -10.09 -0.07 24.87
O4 TXL E . -8.85 1.91 26.75
O5 TXL E . -11.49 4.55 23.60
O6 TXL E . -14.04 4.09 25.05
O7 TXL E . -15.65 3.62 22.81
O8 TXL E . -13.38 -0.83 21.47
C21 TXL E . -14.05 -1.25 20.31
O9 TXL E . -15.28 -1.28 20.09
C22 TXL E . -13.06 -1.55 19.32
O10 TXL E . -13.87 -1.91 18.12
C23 TXL E . -12.00 -2.49 19.92
C24 TXL E . -11.06 -2.70 18.82
C25 TXL E . -11.33 -3.53 17.91
C26 TXL E . -10.54 -3.61 16.83
C27 TXL E . -9.46 -2.84 16.66
C28 TXL E . -9.15 -2.03 17.59
C29 TXL E . -9.94 -1.94 18.67
N1 TXL E . -12.72 -3.58 20.41
C30 TXL E . -12.19 -4.22 21.58
O11 TXL E . -11.29 -3.90 22.45
O12 TXL E . -12.93 -5.24 21.71
C31 TXL E . -12.66 -6.10 22.95
C32 TXL E . -13.73 -7.01 22.60
C33 TXL E . -11.20 -6.56 23.10
C34 TXL E . -12.96 -5.52 24.23
C35 TXL E . -12.18 -0.85 27.82
O13 TXL E . -12.90 -0.36 28.56
C36 TXL E . -11.27 -1.85 28.28
C37 TXL E . -10.73 -2.52 27.36
C38 TXL E . -9.86 -3.48 27.88
C39 TXL E . -9.50 -3.80 29.11
C40 TXL E . -9.86 -3.07 30.10
C41 TXL E . -10.88 -2.09 29.74
C42 TXL E . -9.89 0.00 23.48
O14 TXL E . -10.04 0.89 22.74
C43 TXL E . -9.49 -1.17 23.12
#